data_9LBV
#
_entry.id   9LBV
#
_cell.length_a   67.117
_cell.length_b   89.153
_cell.length_c   140.875
_cell.angle_alpha   90.00
_cell.angle_beta   90.00
_cell.angle_gamma   90.00
#
_symmetry.space_group_name_H-M   'P 21 21 21'
#
loop_
_entity.id
_entity.type
_entity.pdbx_description
1 polymer 'Histidinol dehydrogenase'
2 non-polymer "ADENOSINE-5'-DIPHOSPHATE"
3 water water
#
_entity_poly.entity_id   1
_entity_poly.type   'polypeptide(L)'
_entity_poly.pdbx_seq_one_letter_code
;APFAIRRLNAADPDFGRHLDHLLSWESVSDDSVNQRVLDIIAAVRSRGDAAVVEFTQRFDGLQAASMADLILPRERLELA
LTRITVAQREALEVAAERVRSYHEKQKQGSWRYTEADGTVLGQQVTPLDRAGLYVPGGKASYPSSVLMNAIPAKVAGVSE
VVMVVPTPRGEINEIVLAAACIAGVDRVFTIGGAQAVAALAYGTESVPRVDKIVGPGNIYVATAKRHVFGQVGIDMIAGP
SEILVVCDGQTDPDWIAMDLFSQAEHDEDAQSILVSPDAAFLDRVADSIARLLPTMERAEIIRTSLEGRGALIQVADQAQ
ACAVANRIAPEHLELSVADPESWLPEIRHAGAIFMGRYTAEALGDYCAGPNHVLPTSGTARFSSPLGVYDFQKRSSIINC
SAEGASVLGRTASVLARGESLTAHARSAEYRILDEKEA
;
_entity_poly.pdbx_strand_id   A,B
#
# COMPACT_ATOMS: atom_id res chain seq x y z
CA ALA A 1 -20.39 43.21 1.21
C ALA A 1 -20.49 41.73 0.75
N PRO A 2 -20.86 41.51 -0.51
CA PRO A 2 -20.95 40.12 -1.01
C PRO A 2 -19.56 39.51 -1.15
N PHE A 3 -19.54 38.18 -1.11
CA PHE A 3 -18.28 37.46 -1.14
C PHE A 3 -17.74 37.42 -2.57
N ALA A 4 -16.45 37.69 -2.71
CA ALA A 4 -15.80 37.69 -4.02
C ALA A 4 -14.78 36.55 -4.06
N ILE A 5 -15.08 35.52 -4.86
CA ILE A 5 -14.23 34.35 -4.96
C ILE A 5 -12.95 34.74 -5.68
N ARG A 6 -11.82 34.17 -5.24
CA ARG A 6 -10.54 34.35 -5.92
C ARG A 6 -10.61 33.95 -7.40
N ARG A 7 -9.96 34.76 -8.26
CA ARG A 7 -9.94 34.57 -9.70
C ARG A 7 -8.50 34.46 -10.19
N LEU A 8 -8.20 33.44 -11.00
CA LEU A 8 -6.89 33.26 -11.61
C LEU A 8 -7.06 33.13 -13.12
N ASN A 9 -6.01 33.41 -13.87
CA ASN A 9 -6.06 33.33 -15.33
C ASN A 9 -4.76 32.75 -15.84
N ALA A 10 -4.84 31.60 -16.51
CA ALA A 10 -3.64 30.98 -17.06
C ALA A 10 -3.13 31.71 -18.32
N ALA A 11 -3.83 32.73 -18.81
CA ALA A 11 -3.26 33.64 -19.78
C ALA A 11 -2.31 34.66 -19.14
N ASP A 12 -2.27 34.73 -17.80
CA ASP A 12 -1.26 35.55 -17.11
C ASP A 12 0.09 34.85 -17.15
N PRO A 13 1.16 35.54 -17.55
CA PRO A 13 2.49 34.92 -17.51
C PRO A 13 2.89 34.38 -16.14
N ASP A 14 2.42 35.00 -15.06
CA ASP A 14 2.74 34.53 -13.70
C ASP A 14 1.67 33.61 -13.13
N PHE A 15 0.97 32.83 -13.94
CA PHE A 15 -0.15 32.11 -13.38
C PHE A 15 0.34 30.86 -12.66
N GLY A 16 1.42 30.25 -13.15
CA GLY A 16 1.98 29.07 -12.49
C GLY A 16 2.40 29.34 -11.06
N ARG A 17 2.88 30.55 -10.77
CA ARG A 17 3.27 30.90 -9.40
C ARG A 17 2.07 30.92 -8.44
N HIS A 18 0.97 31.56 -8.83
CA HIS A 18 -0.19 31.59 -7.94
C HIS A 18 -0.82 30.21 -7.78
N LEU A 19 -0.83 29.42 -8.86
CA LEU A 19 -1.37 28.06 -8.78
C LEU A 19 -0.55 27.20 -7.81
N ASP A 20 0.78 27.30 -7.87
CA ASP A 20 1.61 26.59 -6.89
C ASP A 20 1.19 26.95 -5.48
N HIS A 21 1.11 28.24 -5.18
CA HIS A 21 0.78 28.66 -3.82
C HIS A 21 -0.58 28.13 -3.39
N LEU A 22 -1.59 28.30 -4.26
CA LEU A 22 -2.94 27.80 -3.94
C LEU A 22 -2.93 26.33 -3.57
N LEU A 23 -2.00 25.56 -4.12
CA LEU A 23 -1.95 24.12 -3.92
C LEU A 23 -1.04 23.69 -2.75
N SER A 24 -0.46 24.65 -2.01
CA SER A 24 0.54 24.38 -0.93
C SER A 24 0.21 25.08 0.40
N TRP A 25 -1.02 25.55 0.52
CA TRP A 25 -1.63 26.09 1.73
C TRP A 25 -1.19 25.42 3.04
N GLU A 26 -0.51 26.17 3.92
CA GLU A 26 -0.19 25.72 5.28
C GLU A 26 -1.00 26.54 6.27
N SER A 27 -2.28 26.18 6.40
CA SER A 27 -3.16 26.68 7.46
C SER A 27 -2.48 26.52 8.82
N VAL A 28 -2.38 25.29 9.27
CA VAL A 28 -1.49 24.90 10.35
C VAL A 28 -0.36 24.12 9.68
N SER A 29 0.89 24.53 9.95
CA SER A 29 2.03 23.96 9.24
C SER A 29 2.03 22.43 9.33
N ASP A 30 2.65 21.81 8.34
CA ASP A 30 2.90 20.37 8.41
C ASP A 30 3.71 20.02 9.63
N ASP A 31 4.72 20.85 9.92
CA ASP A 31 5.65 20.60 11.00
C ASP A 31 4.95 20.67 12.35
N SER A 32 4.09 21.66 12.54
CA SER A 32 3.37 21.77 13.80
C SER A 32 2.44 20.60 14.01
N VAL A 33 1.65 20.25 13.00
CA VAL A 33 0.77 19.08 13.11
C VAL A 33 1.61 17.83 13.35
N ASN A 34 2.70 17.70 12.59
CA ASN A 34 3.54 16.51 12.72
C ASN A 34 4.08 16.32 14.15
N GLN A 35 4.62 17.38 14.74
CA GLN A 35 5.11 17.27 16.11
C GLN A 35 4.00 16.95 17.08
N ARG A 36 2.85 17.61 16.92
CA ARG A 36 1.72 17.33 17.79
C ARG A 36 1.29 15.87 17.68
N VAL A 37 1.23 15.35 16.45
CA VAL A 37 0.81 13.96 16.26
C VAL A 37 1.86 13.01 16.84
N LEU A 38 3.14 13.27 16.56
CA LEU A 38 4.20 12.44 17.14
C LEU A 38 4.11 12.41 18.66
N ASP A 39 3.89 13.58 19.28
CA ASP A 39 3.82 13.63 20.73
C ASP A 39 2.62 12.86 21.25
N ILE A 40 1.46 12.96 20.59
CA ILE A 40 0.28 12.24 21.06
C ILE A 40 0.49 10.74 20.94
N ILE A 41 1.03 10.28 19.81
CA ILE A 41 1.30 8.86 19.65
C ILE A 41 2.17 8.36 20.80
N ALA A 42 3.32 9.02 21.03
CA ALA A 42 4.20 8.59 22.11
C ALA A 42 3.50 8.67 23.45
N ALA A 43 2.61 9.65 23.64
CA ALA A 43 1.89 9.77 24.89
C ALA A 43 0.93 8.61 25.10
N VAL A 44 0.24 8.18 24.04
CA VAL A 44 -0.69 7.06 24.16
C VAL A 44 0.07 5.76 24.41
N ARG A 45 1.22 5.57 23.77
CA ARG A 45 2.02 4.37 24.03
C ARG A 45 2.54 4.34 25.46
N SER A 46 2.89 5.50 26.02
CA SER A 46 3.46 5.53 27.37
C SER A 46 2.38 5.39 28.44
N ARG A 47 1.29 6.13 28.34
CA ARG A 47 0.31 6.21 29.43
C ARG A 47 -1.01 5.54 29.11
N GLY A 48 -1.22 5.06 27.88
CA GLY A 48 -2.39 4.26 27.57
C GLY A 48 -3.71 4.99 27.73
N ASP A 49 -4.66 4.30 28.37
CA ASP A 49 -6.00 4.85 28.56
C ASP A 49 -5.99 6.27 29.11
N ALA A 50 -5.12 6.52 30.11
CA ALA A 50 -5.11 7.85 30.73
C ALA A 50 -4.85 8.92 29.69
N ALA A 51 -3.93 8.65 28.77
CA ALA A 51 -3.64 9.63 27.72
C ALA A 51 -4.85 9.79 26.79
N VAL A 52 -5.48 8.68 26.40
CA VAL A 52 -6.63 8.77 25.52
C VAL A 52 -7.71 9.63 26.17
N VAL A 53 -7.97 9.40 27.46
CA VAL A 53 -9.01 10.17 28.13
C VAL A 53 -8.63 11.66 28.17
N GLU A 54 -7.34 11.94 28.42
CA GLU A 54 -6.93 13.33 28.58
C GLU A 54 -7.04 14.08 27.26
N PHE A 55 -6.66 13.43 26.16
CA PHE A 55 -6.75 14.08 24.86
C PHE A 55 -8.20 14.21 24.42
N THR A 56 -9.04 13.24 24.79
CA THR A 56 -10.44 13.31 24.39
C THR A 56 -11.15 14.48 25.08
N GLN A 57 -10.86 14.71 26.36
CA GLN A 57 -11.42 15.88 27.03
C GLN A 57 -10.94 17.17 26.37
N ARG A 58 -9.67 17.23 25.98
CA ARG A 58 -9.12 18.50 25.50
C ARG A 58 -9.61 18.82 24.10
N PHE A 59 -9.54 17.86 23.19
CA PHE A 59 -9.80 18.10 21.77
C PHE A 59 -11.27 17.91 21.39
N ASP A 60 -12.01 17.08 22.12
CA ASP A 60 -13.42 16.90 21.84
C ASP A 60 -14.32 17.68 22.78
N GLY A 61 -13.76 18.42 23.73
CA GLY A 61 -14.55 19.25 24.63
C GLY A 61 -15.50 18.46 25.47
N LEU A 62 -15.04 17.33 25.99
CA LEU A 62 -15.90 16.34 26.58
C LEU A 62 -15.47 16.12 28.02
N GLN A 63 -16.41 15.80 28.89
CA GLN A 63 -16.10 15.39 30.25
C GLN A 63 -16.18 13.87 30.29
N ALA A 64 -15.12 13.22 30.74
CA ALA A 64 -15.12 11.77 30.84
C ALA A 64 -14.22 11.40 32.00
N ALA A 65 -14.80 10.84 33.06
CA ALA A 65 -14.00 10.43 34.21
C ALA A 65 -13.02 9.34 33.81
N SER A 66 -13.43 8.38 32.98
CA SER A 66 -12.54 7.28 32.67
C SER A 66 -12.84 6.75 31.27
N MET A 67 -12.03 5.79 30.86
CA MET A 67 -12.18 5.24 29.53
C MET A 67 -13.53 4.55 29.39
N ALA A 68 -14.09 4.07 30.51
CA ALA A 68 -15.39 3.41 30.45
C ALA A 68 -16.49 4.35 29.99
N ASP A 69 -16.31 5.66 30.18
CA ASP A 69 -17.33 6.57 29.67
C ASP A 69 -17.16 6.85 28.18
N LEU A 70 -16.13 6.29 27.55
CA LEU A 70 -15.86 6.46 26.13
C LEU A 70 -16.10 5.19 25.34
N ILE A 71 -16.84 4.23 25.90
CA ILE A 71 -17.18 2.98 25.24
C ILE A 71 -18.67 3.02 24.94
N LEU A 72 -19.02 2.91 23.66
CA LEU A 72 -20.43 2.83 23.26
C LEU A 72 -20.81 1.37 23.07
N PRO A 73 -21.81 0.86 23.79
CA PRO A 73 -22.24 -0.51 23.56
C PRO A 73 -22.89 -0.66 22.19
N ARG A 74 -22.74 -1.86 21.60
CA ARG A 74 -23.33 -2.09 20.29
C ARG A 74 -24.85 -1.88 20.33
N GLU A 75 -25.45 -2.03 21.51
CA GLU A 75 -26.86 -1.75 21.68
C GLU A 75 -27.19 -0.29 21.35
N ARG A 76 -26.27 0.63 21.62
CA ARG A 76 -26.49 2.02 21.25
C ARG A 76 -26.60 2.17 19.73
N LEU A 77 -25.90 1.32 18.98
CA LEU A 77 -26.06 1.34 17.54
C LEU A 77 -27.45 0.87 17.13
N GLU A 78 -27.98 -0.15 17.81
CA GLU A 78 -29.36 -0.58 17.53
C GLU A 78 -30.35 0.53 17.87
N LEU A 79 -30.10 1.26 18.95
CA LEU A 79 -30.99 2.39 19.30
C LEU A 79 -30.98 3.44 18.20
N ALA A 80 -29.78 3.80 17.73
CA ALA A 80 -29.66 4.75 16.63
C ALA A 80 -30.51 4.34 15.44
N LEU A 81 -30.49 3.04 15.11
CA LEU A 81 -31.26 2.57 13.95
C LEU A 81 -32.75 2.81 14.13
N THR A 82 -33.25 2.78 15.37
CA THR A 82 -34.65 3.09 15.61
C THR A 82 -34.94 4.58 15.56
N ARG A 83 -33.93 5.44 15.73
CA ARG A 83 -34.14 6.87 15.87
C ARG A 83 -34.14 7.63 14.55
N ILE A 84 -33.58 7.05 13.49
CA ILE A 84 -33.54 7.80 12.25
C ILE A 84 -34.87 7.63 11.56
N THR A 85 -35.12 8.40 10.50
CA THR A 85 -36.39 8.38 9.80
C THR A 85 -36.54 7.15 8.90
N VAL A 86 -37.79 6.91 8.48
CA VAL A 86 -38.06 5.81 7.57
C VAL A 86 -37.22 5.92 6.31
N ALA A 87 -37.19 7.12 5.72
CA ALA A 87 -36.46 7.27 4.45
C ALA A 87 -34.97 7.16 4.65
N GLN A 88 -34.45 7.63 5.79
CA GLN A 88 -33.02 7.50 6.06
C GLN A 88 -32.63 6.04 6.23
N ARG A 89 -33.42 5.29 7.02
CA ARG A 89 -33.10 3.89 7.26
C ARG A 89 -33.18 3.08 5.98
N GLU A 90 -34.14 3.39 5.11
CA GLU A 90 -34.27 2.62 3.88
C GLU A 90 -33.10 2.85 2.95
N ALA A 91 -32.67 4.11 2.81
CA ALA A 91 -31.48 4.44 2.03
C ALA A 91 -30.27 3.67 2.54
N LEU A 92 -30.08 3.60 3.87
CA LEU A 92 -28.91 2.90 4.40
C LEU A 92 -29.02 1.39 4.14
N GLU A 93 -30.21 0.81 4.39
CA GLU A 93 -30.37 -0.63 4.23
C GLU A 93 -30.23 -1.05 2.76
N VAL A 94 -30.80 -0.26 1.85
CA VAL A 94 -30.68 -0.56 0.42
C VAL A 94 -29.22 -0.52 -0.01
N ALA A 95 -28.49 0.54 0.38
CA ALA A 95 -27.06 0.62 0.05
C ALA A 95 -26.28 -0.53 0.69
N ALA A 96 -26.60 -0.89 1.94
CA ALA A 96 -25.90 -2.00 2.57
C ALA A 96 -26.09 -3.30 1.79
N GLU A 97 -27.33 -3.58 1.33
CA GLU A 97 -27.56 -4.83 0.60
C GLU A 97 -26.71 -4.85 -0.65
N ARG A 98 -26.63 -3.72 -1.35
CA ARG A 98 -25.86 -3.68 -2.59
C ARG A 98 -24.37 -3.81 -2.34
N VAL A 99 -23.87 -3.18 -1.27
CA VAL A 99 -22.45 -3.29 -0.90
C VAL A 99 -22.15 -4.71 -0.48
N ARG A 100 -23.03 -5.30 0.36
CA ARG A 100 -22.77 -6.63 0.88
C ARG A 100 -22.84 -7.68 -0.23
N SER A 101 -23.85 -7.60 -1.09
CA SER A 101 -23.96 -8.57 -2.19
C SER A 101 -22.75 -8.51 -3.10
N TYR A 102 -22.32 -7.29 -3.42
CA TYR A 102 -21.13 -7.08 -4.26
C TYR A 102 -19.91 -7.78 -3.66
N HIS A 103 -19.64 -7.53 -2.37
CA HIS A 103 -18.42 -8.07 -1.79
C HIS A 103 -18.50 -9.57 -1.61
N GLU A 104 -19.69 -10.12 -1.37
CA GLU A 104 -19.84 -11.58 -1.33
C GLU A 104 -19.40 -12.22 -2.64
N LYS A 105 -19.74 -11.60 -3.77
CA LYS A 105 -19.32 -12.19 -5.04
C LYS A 105 -17.83 -12.03 -5.28
N GLN A 106 -17.20 -10.97 -4.77
CA GLN A 106 -15.79 -10.73 -5.03
C GLN A 106 -14.85 -11.50 -4.09
N LYS A 107 -15.35 -12.05 -2.98
CA LYS A 107 -14.47 -12.64 -2.00
C LYS A 107 -13.72 -13.84 -2.58
N GLN A 108 -12.40 -13.88 -2.37
CA GLN A 108 -11.58 -15.00 -2.81
C GLN A 108 -10.87 -15.61 -1.61
N GLY A 109 -11.08 -16.91 -1.39
CA GLY A 109 -10.45 -17.61 -0.30
C GLY A 109 -9.23 -18.40 -0.74
N SER A 110 -8.77 -19.27 0.14
CA SER A 110 -7.58 -20.08 -0.15
C SER A 110 -7.78 -20.88 -1.44
N TRP A 111 -6.67 -21.14 -2.13
CA TRP A 111 -6.75 -21.91 -3.35
C TRP A 111 -5.46 -22.69 -3.57
N ARG A 112 -5.58 -23.75 -4.37
CA ARG A 112 -4.44 -24.55 -4.81
C ARG A 112 -4.63 -24.91 -6.27
N TYR A 113 -3.54 -24.90 -7.03
CA TYR A 113 -3.53 -25.28 -8.44
C TYR A 113 -2.41 -26.28 -8.66
N THR A 114 -2.72 -27.38 -9.34
CA THR A 114 -1.74 -28.42 -9.63
C THR A 114 -1.31 -28.33 -11.09
N GLU A 115 -0.03 -28.07 -11.30
CA GLU A 115 0.58 -28.03 -12.61
C GLU A 115 0.67 -29.45 -13.19
N ALA A 116 0.97 -29.51 -14.49
CA ALA A 116 1.04 -30.81 -15.15
C ALA A 116 2.15 -31.68 -14.58
N ASP A 117 3.27 -31.08 -14.15
CA ASP A 117 4.37 -31.88 -13.63
C ASP A 117 4.21 -32.26 -12.15
N GLY A 118 3.04 -31.95 -11.54
CA GLY A 118 2.75 -32.33 -10.16
C GLY A 118 2.92 -31.21 -9.14
N THR A 119 3.59 -30.12 -9.50
CA THR A 119 3.81 -29.01 -8.57
C THR A 119 2.48 -28.35 -8.21
N VAL A 120 2.33 -28.04 -6.92
CA VAL A 120 1.15 -27.35 -6.42
C VAL A 120 1.54 -25.92 -6.04
N LEU A 121 0.80 -24.95 -6.55
CA LEU A 121 0.92 -23.55 -6.18
C LEU A 121 -0.39 -23.06 -5.60
N GLY A 122 -0.34 -21.95 -4.87
CA GLY A 122 -1.56 -21.34 -4.41
C GLY A 122 -1.32 -20.36 -3.27
N GLN A 123 -2.42 -20.00 -2.61
CA GLN A 123 -2.37 -19.05 -1.52
C GLN A 123 -3.26 -19.54 -0.39
N GLN A 124 -2.77 -19.38 0.82
CA GLN A 124 -3.54 -19.60 2.04
C GLN A 124 -4.02 -18.24 2.52
N VAL A 125 -5.35 -18.07 2.57
CA VAL A 125 -6.01 -16.79 2.80
C VAL A 125 -6.71 -16.83 4.16
N THR A 126 -6.45 -15.82 4.97
CA THR A 126 -6.98 -15.69 6.34
C THR A 126 -7.52 -14.29 6.53
N PRO A 127 -8.72 -14.11 7.11
CA PRO A 127 -9.14 -12.76 7.50
C PRO A 127 -8.18 -12.18 8.52
N LEU A 128 -7.99 -10.85 8.45
CA LEU A 128 -7.39 -10.17 9.59
C LEU A 128 -8.22 -10.45 10.85
N ASP A 129 -7.56 -10.45 12.01
CA ASP A 129 -8.31 -10.65 13.26
C ASP A 129 -9.18 -9.44 13.60
N ARG A 130 -8.63 -8.23 13.47
CA ARG A 130 -9.34 -7.03 13.88
C ARG A 130 -8.99 -5.93 12.90
N ALA A 131 -9.95 -5.03 12.70
CA ALA A 131 -9.75 -3.87 11.86
C ALA A 131 -10.36 -2.65 12.55
N GLY A 132 -9.70 -1.51 12.39
CA GLY A 132 -10.13 -0.27 13.01
C GLY A 132 -10.61 0.69 11.95
N LEU A 133 -11.75 1.32 12.19
CA LEU A 133 -12.41 2.20 11.25
C LEU A 133 -12.52 3.58 11.88
N TYR A 134 -11.89 4.58 11.25
CA TYR A 134 -12.06 5.96 11.72
C TYR A 134 -13.33 6.55 11.11
N VAL A 135 -14.15 7.19 11.96
CA VAL A 135 -15.41 7.80 11.54
C VAL A 135 -15.41 9.22 12.10
N PRO A 136 -15.29 10.26 11.25
CA PRO A 136 -15.30 11.63 11.77
C PRO A 136 -16.58 11.88 12.57
N GLY A 137 -16.45 12.69 13.61
CA GLY A 137 -17.59 12.98 14.46
C GLY A 137 -18.51 14.06 13.92
N GLY A 138 -19.66 14.19 14.59
CA GLY A 138 -20.57 15.25 14.23
C GLY A 138 -21.28 15.00 12.91
N LYS A 139 -21.66 16.11 12.28
CA LYS A 139 -22.53 16.06 11.12
C LYS A 139 -21.78 15.71 9.83
N ALA A 140 -20.55 16.20 9.66
CA ALA A 140 -19.82 16.04 8.40
C ALA A 140 -19.09 14.69 8.40
N SER A 141 -19.89 13.63 8.28
CA SER A 141 -19.40 12.26 8.38
C SER A 141 -20.32 11.42 7.52
N TYR A 142 -19.83 10.93 6.38
CA TYR A 142 -20.72 10.27 5.45
C TYR A 142 -20.97 8.83 5.90
N PRO A 143 -22.22 8.39 5.98
CA PRO A 143 -22.49 6.98 6.34
C PRO A 143 -21.96 5.99 5.30
N SER A 144 -21.83 6.37 4.02
CA SER A 144 -21.28 5.44 3.03
C SER A 144 -19.90 4.95 3.44
N SER A 145 -19.14 5.82 4.09
CA SER A 145 -17.79 5.45 4.51
C SER A 145 -17.82 4.32 5.54
N VAL A 146 -18.83 4.32 6.42
CA VAL A 146 -18.99 3.20 7.35
C VAL A 146 -19.36 1.93 6.60
N LEU A 147 -20.38 2.00 5.74
CA LEU A 147 -20.83 0.81 5.02
C LEU A 147 -19.72 0.23 4.17
N MET A 148 -18.99 1.09 3.46
CA MET A 148 -18.05 0.57 2.48
C MET A 148 -16.75 0.08 3.09
N ASN A 149 -16.49 0.35 4.37
CA ASN A 149 -15.33 -0.22 5.05
C ASN A 149 -15.70 -1.38 5.97
N ALA A 150 -16.78 -1.26 6.74
CA ALA A 150 -17.08 -2.32 7.68
C ALA A 150 -17.69 -3.54 7.00
N ILE A 151 -18.48 -3.37 5.95
CA ILE A 151 -19.13 -4.53 5.33
C ILE A 151 -18.07 -5.44 4.69
N PRO A 152 -17.16 -4.96 3.85
CA PRO A 152 -16.17 -5.91 3.30
C PRO A 152 -15.30 -6.55 4.37
N ALA A 153 -15.03 -5.86 5.50
CA ALA A 153 -14.28 -6.46 6.58
C ALA A 153 -15.04 -7.65 7.17
N LYS A 154 -16.35 -7.48 7.43
CA LYS A 154 -17.13 -8.59 7.96
C LYS A 154 -17.31 -9.69 6.90
N VAL A 155 -17.52 -9.33 5.63
CA VAL A 155 -17.62 -10.37 4.60
C VAL A 155 -16.33 -11.17 4.54
N ALA A 156 -15.18 -10.50 4.69
CA ALA A 156 -13.89 -11.20 4.69
C ALA A 156 -13.76 -12.18 5.86
N GLY A 157 -14.52 -11.97 6.93
CA GLY A 157 -14.36 -12.76 8.14
C GLY A 157 -13.60 -12.10 9.27
N VAL A 158 -13.38 -10.78 9.23
CA VAL A 158 -12.75 -10.11 10.36
C VAL A 158 -13.62 -10.27 11.59
N SER A 159 -13.06 -10.83 12.67
CA SER A 159 -13.91 -11.11 13.83
C SER A 159 -14.32 -9.84 14.56
N GLU A 160 -13.49 -8.78 14.56
CA GLU A 160 -13.78 -7.57 15.34
C GLU A 160 -13.49 -6.32 14.51
N VAL A 161 -14.54 -5.60 14.15
CA VAL A 161 -14.43 -4.30 13.49
C VAL A 161 -14.64 -3.25 14.58
N VAL A 162 -13.58 -2.49 14.88
CA VAL A 162 -13.60 -1.52 15.96
C VAL A 162 -13.73 -0.12 15.37
N MET A 163 -14.76 0.61 15.76
CA MET A 163 -15.00 1.92 15.21
C MET A 163 -14.62 2.98 16.26
N VAL A 164 -13.94 4.03 15.82
CA VAL A 164 -13.65 5.15 16.69
C VAL A 164 -14.34 6.36 16.08
N VAL A 165 -15.14 7.05 16.90
CA VAL A 165 -15.91 8.19 16.42
C VAL A 165 -15.93 9.23 17.53
N PRO A 166 -15.21 10.35 17.37
CA PRO A 166 -15.26 11.40 18.38
C PRO A 166 -16.67 11.99 18.49
N THR A 167 -17.02 12.45 19.70
CA THR A 167 -18.30 13.12 19.92
C THR A 167 -18.01 14.55 20.35
N PRO A 168 -17.88 15.49 19.41
CA PRO A 168 -17.52 16.86 19.77
C PRO A 168 -18.60 17.50 20.62
N ARG A 169 -18.24 17.85 21.85
CA ARG A 169 -19.16 18.40 22.84
C ARG A 169 -20.31 17.46 23.10
N GLY A 170 -20.03 16.16 22.99
CA GLY A 170 -21.03 15.13 23.17
C GLY A 170 -21.96 14.92 22.01
N GLU A 171 -21.79 15.62 20.89
CA GLU A 171 -22.73 15.46 19.77
C GLU A 171 -22.58 14.09 19.12
N ILE A 172 -23.71 13.42 18.90
CA ILE A 172 -23.75 12.13 18.22
C ILE A 172 -24.53 12.27 16.92
N ASN A 173 -24.10 11.55 15.88
CA ASN A 173 -24.76 11.51 14.58
C ASN A 173 -25.52 10.18 14.51
N GLU A 174 -26.86 10.23 14.61
CA GLU A 174 -27.62 8.98 14.65
C GLU A 174 -27.60 8.26 13.31
N ILE A 175 -27.50 8.98 12.19
CA ILE A 175 -27.47 8.30 10.91
C ILE A 175 -26.19 7.49 10.76
N VAL A 176 -25.07 8.07 11.21
CA VAL A 176 -23.77 7.41 11.19
C VAL A 176 -23.77 6.19 12.11
N LEU A 177 -24.33 6.34 13.31
CA LEU A 177 -24.40 5.21 14.25
C LEU A 177 -25.31 4.12 13.70
N ALA A 178 -26.41 4.51 13.05
CA ALA A 178 -27.29 3.52 12.42
C ALA A 178 -26.56 2.79 11.31
N ALA A 179 -25.79 3.52 10.48
CA ALA A 179 -24.99 2.83 9.47
C ALA A 179 -24.04 1.84 10.12
N ALA A 180 -23.42 2.22 11.26
CA ALA A 180 -22.51 1.30 11.93
C ALA A 180 -23.23 0.07 12.40
N CYS A 181 -24.49 0.24 12.76
CA CYS A 181 -25.27 -0.91 13.22
C CYS A 181 -25.55 -1.85 12.05
N ILE A 182 -25.97 -1.30 10.91
CA ILE A 182 -26.27 -2.08 9.71
C ILE A 182 -25.01 -2.75 9.15
N ALA A 183 -23.88 -2.06 9.23
CA ALA A 183 -22.65 -2.57 8.66
C ALA A 183 -21.96 -3.62 9.52
N GLY A 184 -22.40 -3.82 10.76
CA GLY A 184 -21.87 -4.88 11.58
C GLY A 184 -20.68 -4.51 12.43
N VAL A 185 -20.51 -3.21 12.73
CA VAL A 185 -19.47 -2.78 13.63
C VAL A 185 -19.65 -3.50 14.96
N ASP A 186 -18.55 -4.00 15.53
CA ASP A 186 -18.65 -4.80 16.75
C ASP A 186 -18.45 -3.97 18.02
N ARG A 187 -17.55 -3.00 18.00
CA ARG A 187 -17.19 -2.21 19.17
C ARG A 187 -17.00 -0.74 18.77
N VAL A 188 -17.38 0.17 19.66
CA VAL A 188 -17.33 1.60 19.38
C VAL A 188 -16.68 2.34 20.57
N PHE A 189 -15.72 3.20 20.27
CA PHE A 189 -15.07 4.09 21.24
C PHE A 189 -15.26 5.52 20.77
N THR A 190 -15.74 6.39 21.66
CA THR A 190 -15.98 7.78 21.28
C THR A 190 -14.69 8.57 21.49
N ILE A 191 -13.71 8.28 20.64
CA ILE A 191 -12.42 8.94 20.65
C ILE A 191 -12.08 9.29 19.21
N GLY A 192 -11.18 10.26 19.03
CA GLY A 192 -10.80 10.70 17.71
C GLY A 192 -9.36 11.17 17.54
N GLY A 193 -9.09 11.79 16.42
CA GLY A 193 -7.80 12.40 16.18
C GLY A 193 -6.65 11.41 16.18
N ALA A 194 -5.46 11.97 16.43
CA ALA A 194 -4.25 11.15 16.45
C ALA A 194 -4.29 10.14 17.58
N GLN A 195 -4.92 10.48 18.72
CA GLN A 195 -4.92 9.55 19.84
C GLN A 195 -5.75 8.32 19.55
N ALA A 196 -6.85 8.45 18.79
CA ALA A 196 -7.62 7.28 18.39
C ALA A 196 -6.82 6.37 17.49
N VAL A 197 -6.12 6.95 16.50
CA VAL A 197 -5.27 6.14 15.63
C VAL A 197 -4.19 5.44 16.43
N ALA A 198 -3.58 6.14 17.39
CA ALA A 198 -2.50 5.56 18.18
C ALA A 198 -3.03 4.42 19.04
N ALA A 199 -4.20 4.62 19.65
CA ALA A 199 -4.76 3.59 20.52
C ALA A 199 -5.07 2.33 19.73
N LEU A 200 -5.56 2.49 18.48
CA LEU A 200 -5.84 1.34 17.62
C LEU A 200 -4.56 0.67 17.14
N ALA A 201 -3.53 1.45 16.82
CA ALA A 201 -2.30 0.89 16.28
C ALA A 201 -1.51 0.11 17.33
N TYR A 202 -1.40 0.66 18.55
CA TYR A 202 -0.58 0.05 19.60
C TYR A 202 -1.38 -0.66 20.68
N GLY A 203 -2.67 -0.37 20.80
CA GLY A 203 -3.47 -0.90 21.89
C GLY A 203 -3.27 -0.16 23.19
N THR A 204 -4.33 -0.06 23.99
CA THR A 204 -4.23 0.40 25.38
C THR A 204 -4.90 -0.62 26.29
N GLU A 205 -5.09 -0.28 27.56
CA GLU A 205 -5.77 -1.20 28.46
C GLU A 205 -7.17 -1.52 27.95
N SER A 206 -7.90 -0.52 27.43
CA SER A 206 -9.26 -0.72 26.98
C SER A 206 -9.44 -0.78 25.46
N VAL A 207 -8.51 -0.24 24.68
CA VAL A 207 -8.66 -0.20 23.22
C VAL A 207 -7.80 -1.33 22.66
N PRO A 208 -8.35 -2.25 21.89
CA PRO A 208 -7.54 -3.34 21.34
C PRO A 208 -6.65 -2.89 20.18
N ARG A 209 -5.47 -3.50 20.12
CA ARG A 209 -4.60 -3.34 18.97
C ARG A 209 -5.22 -4.05 17.77
N VAL A 210 -5.32 -3.37 16.65
CA VAL A 210 -5.93 -3.94 15.47
C VAL A 210 -4.84 -4.23 14.44
N ASP A 211 -5.22 -4.94 13.37
CA ASP A 211 -4.24 -5.27 12.34
C ASP A 211 -4.23 -4.28 11.19
N LYS A 212 -5.28 -3.49 11.04
CA LYS A 212 -5.35 -2.50 9.97
C LYS A 212 -6.29 -1.39 10.39
N ILE A 213 -5.92 -0.15 10.08
CA ILE A 213 -6.75 1.01 10.33
C ILE A 213 -7.19 1.55 8.98
N VAL A 214 -8.50 1.79 8.82
CA VAL A 214 -9.05 2.25 7.55
C VAL A 214 -9.94 3.46 7.77
N GLY A 215 -10.24 4.16 6.69
CA GLY A 215 -11.22 5.22 6.76
C GLY A 215 -10.68 6.59 6.41
N PRO A 216 -11.54 7.61 6.45
CA PRO A 216 -11.10 8.96 6.10
C PRO A 216 -10.46 9.64 7.31
N GLY A 217 -10.32 10.95 7.30
CA GLY A 217 -9.84 11.69 8.46
C GLY A 217 -9.12 12.97 8.04
N ASN A 218 -9.15 13.98 8.91
CA ASN A 218 -8.51 15.25 8.57
C ASN A 218 -7.00 15.13 8.82
N ILE A 219 -6.29 16.26 8.79
CA ILE A 219 -4.82 16.21 8.76
C ILE A 219 -4.23 15.49 9.99
N TYR A 220 -4.90 15.56 11.15
CA TYR A 220 -4.35 14.86 12.31
C TYR A 220 -4.46 13.35 12.15
N VAL A 221 -5.58 12.87 11.61
CA VAL A 221 -5.78 11.44 11.38
C VAL A 221 -4.82 10.93 10.30
N ALA A 222 -4.75 11.68 9.18
CA ALA A 222 -3.87 11.32 8.08
C ALA A 222 -2.41 11.27 8.52
N THR A 223 -1.96 12.29 9.26
CA THR A 223 -0.58 12.29 9.74
C THR A 223 -0.33 11.13 10.72
N ALA A 224 -1.29 10.85 11.62
CA ALA A 224 -1.12 9.73 12.54
C ALA A 224 -1.04 8.39 11.79
N LYS A 225 -1.88 8.21 10.76
CA LYS A 225 -1.81 6.98 9.97
C LYS A 225 -0.46 6.84 9.27
N ARG A 226 0.05 7.93 8.70
CA ARG A 226 1.37 7.89 8.09
C ARG A 226 2.42 7.41 9.09
N HIS A 227 2.31 7.88 10.33
CA HIS A 227 3.33 7.55 11.33
C HIS A 227 3.17 6.17 11.96
N VAL A 228 1.96 5.59 11.99
CA VAL A 228 1.81 4.24 12.54
C VAL A 228 1.88 3.15 11.47
N PHE A 229 2.06 3.54 10.21
CA PHE A 229 2.37 2.58 9.17
C PHE A 229 3.61 1.78 9.56
N GLY A 230 3.54 0.47 9.42
CA GLY A 230 4.63 -0.38 9.84
C GLY A 230 4.22 -1.13 11.07
N GLN A 231 3.65 -0.40 12.03
CA GLN A 231 3.10 -1.02 13.23
C GLN A 231 1.75 -1.64 12.95
N VAL A 232 1.03 -1.12 11.95
CA VAL A 232 -0.31 -1.58 11.64
C VAL A 232 -0.50 -1.33 10.15
N GLY A 233 -1.29 -2.19 9.50
CA GLY A 233 -1.66 -1.90 8.13
C GLY A 233 -2.51 -0.65 8.02
N ILE A 234 -2.43 0.00 6.87
CA ILE A 234 -3.15 1.24 6.57
C ILE A 234 -3.69 1.14 5.15
N ASP A 235 -4.96 1.56 4.96
CA ASP A 235 -5.54 1.54 3.62
C ASP A 235 -4.91 2.61 2.73
N MET A 236 -4.74 3.82 3.24
CA MET A 236 -4.34 4.96 2.42
C MET A 236 -4.29 6.18 3.31
N ILE A 237 -3.64 7.21 2.81
CA ILE A 237 -3.66 8.50 3.47
C ILE A 237 -4.55 9.38 2.59
N ALA A 238 -5.84 9.45 2.91
CA ALA A 238 -6.71 10.36 2.18
C ALA A 238 -6.18 11.79 2.28
N GLY A 239 -6.18 12.50 1.15
CA GLY A 239 -5.79 13.90 1.15
C GLY A 239 -6.92 14.79 1.63
N PRO A 240 -6.65 16.09 1.65
CA PRO A 240 -7.67 17.04 2.12
C PRO A 240 -8.91 16.98 1.25
N SER A 241 -10.04 17.42 1.82
CA SER A 241 -11.30 17.45 1.09
C SER A 241 -11.16 18.34 -0.14
N GLU A 242 -11.56 17.83 -1.30
CA GLU A 242 -11.17 18.52 -2.53
C GLU A 242 -12.13 18.24 -3.69
N ILE A 243 -12.39 19.26 -4.50
CA ILE A 243 -13.11 19.09 -5.76
C ILE A 243 -12.50 20.01 -6.80
N LEU A 244 -12.25 19.49 -7.98
CA LEU A 244 -11.96 20.32 -9.15
C LEU A 244 -13.13 20.17 -10.11
N VAL A 245 -13.80 21.27 -10.43
CA VAL A 245 -14.83 21.29 -11.46
C VAL A 245 -14.22 21.86 -12.72
N VAL A 246 -14.33 21.13 -13.83
CA VAL A 246 -13.98 21.62 -15.16
C VAL A 246 -15.28 21.78 -15.93
N CYS A 247 -15.51 22.97 -16.50
CA CYS A 247 -16.80 23.22 -17.15
C CYS A 247 -16.57 23.94 -18.48
N ASP A 248 -17.32 23.54 -19.50
CA ASP A 248 -17.19 24.23 -20.78
C ASP A 248 -17.98 25.54 -20.82
N GLY A 249 -18.69 25.88 -19.75
CA GLY A 249 -19.50 27.09 -19.72
C GLY A 249 -20.97 26.89 -19.99
N GLN A 250 -21.43 25.68 -20.28
CA GLN A 250 -22.84 25.45 -20.59
C GLN A 250 -23.57 24.67 -19.50
N THR A 251 -23.09 24.74 -18.26
CA THR A 251 -23.82 24.22 -17.11
C THR A 251 -24.34 25.39 -16.30
N ASP A 252 -25.56 25.26 -15.80
CA ASP A 252 -26.15 26.25 -14.91
C ASP A 252 -25.16 26.72 -13.86
N PRO A 253 -24.94 28.03 -13.71
CA PRO A 253 -23.90 28.50 -12.79
C PRO A 253 -24.28 28.33 -11.34
N ASP A 254 -25.58 28.22 -11.02
CA ASP A 254 -25.97 27.89 -9.65
C ASP A 254 -25.59 26.47 -9.32
N TRP A 255 -25.81 25.54 -10.25
CA TRP A 255 -25.38 24.16 -10.05
C TRP A 255 -23.88 24.09 -9.76
N ILE A 256 -23.08 24.74 -10.61
CA ILE A 256 -21.63 24.74 -10.42
C ILE A 256 -21.25 25.38 -9.08
N ALA A 257 -21.84 26.54 -8.75
CA ALA A 257 -21.61 27.13 -7.44
C ALA A 257 -21.90 26.13 -6.33
N MET A 258 -23.04 25.45 -6.42
CA MET A 258 -23.43 24.53 -5.34
C MET A 258 -22.51 23.33 -5.29
N ASP A 259 -22.04 22.87 -6.47
CA ASP A 259 -21.07 21.77 -6.50
C ASP A 259 -19.79 22.18 -5.78
N LEU A 260 -19.32 23.41 -5.98
CA LEU A 260 -18.16 23.89 -5.22
C LEU A 260 -18.47 23.95 -3.72
N PHE A 261 -19.66 24.44 -3.37
CA PHE A 261 -20.06 24.53 -1.97
C PHE A 261 -20.15 23.16 -1.31
N SER A 262 -20.55 22.15 -2.05
CA SER A 262 -20.72 20.83 -1.47
C SER A 262 -19.44 20.33 -0.81
N GLN A 263 -18.29 20.52 -1.47
CA GLN A 263 -17.02 20.15 -0.84
C GLN A 263 -16.56 21.19 0.17
N ALA A 264 -16.79 22.48 -0.11
CA ALA A 264 -16.31 23.52 0.78
C ALA A 264 -16.99 23.44 2.14
N GLU A 265 -18.18 22.86 2.21
CA GLU A 265 -18.91 22.81 3.48
C GLU A 265 -18.46 21.68 4.38
N HIS A 266 -17.67 20.73 3.87
CA HIS A 266 -17.23 19.62 4.72
C HIS A 266 -16.40 20.11 5.90
N ASP A 267 -15.39 20.94 5.66
CA ASP A 267 -14.51 21.42 6.72
C ASP A 267 -13.77 22.64 6.19
N GLU A 268 -13.13 23.38 7.09
CA GLU A 268 -12.55 24.68 6.73
C GLU A 268 -11.34 24.55 5.82
N ASP A 269 -10.70 23.40 5.76
CA ASP A 269 -9.54 23.24 4.88
C ASP A 269 -9.88 22.52 3.57
N ALA A 270 -11.16 22.37 3.24
CA ALA A 270 -11.52 21.83 1.94
C ALA A 270 -11.10 22.79 0.84
N GLN A 271 -10.81 22.23 -0.34
CA GLN A 271 -10.39 23.00 -1.49
C GLN A 271 -11.34 22.80 -2.66
N SER A 272 -11.95 23.89 -3.15
CA SER A 272 -12.86 23.82 -4.28
C SER A 272 -12.39 24.76 -5.38
N ILE A 273 -12.22 24.21 -6.58
CA ILE A 273 -11.66 24.95 -7.70
C ILE A 273 -12.53 24.70 -8.93
N LEU A 274 -12.72 25.76 -9.71
CA LEU A 274 -13.38 25.68 -11.01
C LEU A 274 -12.39 26.13 -12.08
N VAL A 275 -12.33 25.38 -13.18
CA VAL A 275 -11.53 25.74 -14.36
C VAL A 275 -12.46 25.78 -15.58
N SER A 276 -12.35 26.84 -16.38
CA SER A 276 -13.20 26.94 -17.56
C SER A 276 -12.55 27.84 -18.60
N PRO A 277 -12.71 27.54 -19.89
CA PRO A 277 -12.35 28.51 -20.93
C PRO A 277 -13.37 29.64 -21.13
N ASP A 278 -14.54 29.61 -20.48
CA ASP A 278 -15.65 30.55 -20.72
C ASP A 278 -15.64 31.66 -19.67
N ALA A 279 -15.12 32.83 -20.05
CA ALA A 279 -15.00 33.93 -19.11
C ALA A 279 -16.36 34.43 -18.63
N ALA A 280 -17.34 34.52 -19.51
CA ALA A 280 -18.65 35.00 -19.06
C ALA A 280 -19.26 34.01 -18.07
N PHE A 281 -19.06 32.72 -18.32
CA PHE A 281 -19.54 31.71 -17.39
C PHE A 281 -18.89 31.86 -16.02
N LEU A 282 -17.58 32.06 -15.97
CA LEU A 282 -16.91 32.23 -14.68
C LEU A 282 -17.48 33.41 -13.91
N ASP A 283 -17.81 34.51 -14.62
CA ASP A 283 -18.48 35.63 -13.97
C ASP A 283 -19.83 35.22 -13.40
N ARG A 284 -20.60 34.43 -14.16
CA ARG A 284 -21.90 33.97 -13.65
C ARG A 284 -21.73 33.14 -12.38
N VAL A 285 -20.72 32.27 -12.34
CA VAL A 285 -20.49 31.46 -11.16
C VAL A 285 -20.06 32.33 -9.98
N ALA A 286 -19.22 33.34 -10.24
CA ALA A 286 -18.86 34.27 -9.18
C ALA A 286 -20.10 34.95 -8.59
N ASP A 287 -21.04 35.38 -9.47
CA ASP A 287 -22.29 35.97 -8.96
C ASP A 287 -23.12 34.94 -8.20
N SER A 288 -23.26 33.72 -8.76
CA SER A 288 -23.99 32.68 -8.04
C SER A 288 -23.40 32.42 -6.66
N ILE A 289 -22.07 32.36 -6.56
CA ILE A 289 -21.44 32.17 -5.26
C ILE A 289 -21.84 33.29 -4.31
N ALA A 290 -21.74 34.54 -4.77
CA ALA A 290 -22.03 35.68 -3.91
C ALA A 290 -23.46 35.64 -3.41
N ARG A 291 -24.40 35.28 -4.29
CA ARG A 291 -25.81 35.27 -3.94
C ARG A 291 -26.17 34.07 -3.06
N LEU A 292 -25.66 32.88 -3.38
CA LEU A 292 -26.10 31.66 -2.71
C LEU A 292 -25.43 31.46 -1.36
N LEU A 293 -24.25 32.04 -1.16
CA LEU A 293 -23.49 31.76 0.06
C LEU A 293 -24.23 32.13 1.33
N PRO A 294 -24.86 33.31 1.47
CA PRO A 294 -25.54 33.61 2.73
C PRO A 294 -26.78 32.74 2.96
N THR A 295 -27.32 32.11 1.92
CA THR A 295 -28.43 31.19 2.07
C THR A 295 -28.01 29.80 2.58
N MET A 296 -26.71 29.55 2.80
CA MET A 296 -26.25 28.21 3.17
C MET A 296 -26.16 28.05 4.68
N GLU A 297 -26.71 26.95 5.20
CA GLU A 297 -26.58 26.66 6.63
C GLU A 297 -25.13 26.68 7.09
N ARG A 298 -24.22 26.15 6.29
CA ARG A 298 -22.80 26.08 6.64
C ARG A 298 -21.99 27.17 5.96
N ALA A 299 -22.56 28.37 5.77
CA ALA A 299 -21.89 29.46 5.06
C ALA A 299 -20.55 29.81 5.70
N GLU A 300 -20.47 29.76 7.03
CA GLU A 300 -19.23 30.12 7.71
C GLU A 300 -18.10 29.17 7.32
N ILE A 301 -18.35 27.87 7.39
CA ILE A 301 -17.38 26.88 6.95
C ILE A 301 -17.08 27.07 5.46
N ILE A 302 -18.13 27.22 4.65
CA ILE A 302 -17.95 27.35 3.20
C ILE A 302 -17.10 28.57 2.87
N ARG A 303 -17.37 29.70 3.53
CA ARG A 303 -16.61 30.91 3.21
C ARG A 303 -15.14 30.75 3.57
N THR A 304 -14.86 30.14 4.72
CA THR A 304 -13.48 30.01 5.15
C THR A 304 -12.71 29.10 4.20
N SER A 305 -13.33 27.99 3.80
CA SER A 305 -12.67 27.10 2.85
C SER A 305 -12.41 27.81 1.53
N LEU A 306 -13.40 28.54 1.02
CA LEU A 306 -13.20 29.22 -0.27
C LEU A 306 -12.21 30.38 -0.15
N GLU A 307 -12.17 31.06 1.00
CA GLU A 307 -11.20 32.16 1.13
C GLU A 307 -9.77 31.60 1.15
N GLY A 308 -9.55 30.52 1.90
CA GLY A 308 -8.21 29.97 2.00
C GLY A 308 -7.77 29.21 0.76
N ARG A 309 -8.70 28.47 0.11
CA ARG A 309 -8.29 27.48 -0.88
C ARG A 309 -9.09 27.45 -2.17
N GLY A 310 -10.15 28.26 -2.34
CA GLY A 310 -10.95 28.17 -3.54
C GLY A 310 -10.49 29.12 -4.65
N ALA A 311 -10.94 28.83 -5.87
CA ALA A 311 -10.57 29.67 -7.00
C ALA A 311 -11.43 29.32 -8.20
N LEU A 312 -11.72 30.32 -9.02
CA LEU A 312 -12.14 30.13 -10.40
C LEU A 312 -10.96 30.50 -11.28
N ILE A 313 -10.61 29.62 -12.21
CA ILE A 313 -9.44 29.78 -13.07
C ILE A 313 -9.92 29.82 -14.51
N GLN A 314 -9.55 30.90 -15.22
CA GLN A 314 -9.81 30.95 -16.66
C GLN A 314 -8.68 30.30 -17.45
N VAL A 315 -9.03 29.58 -18.51
CA VAL A 315 -8.06 28.96 -19.41
C VAL A 315 -8.50 29.29 -20.84
N ALA A 316 -7.66 28.95 -21.81
CA ALA A 316 -7.95 29.33 -23.18
C ALA A 316 -8.86 28.37 -23.91
N ASP A 317 -8.67 27.07 -23.74
CA ASP A 317 -9.39 26.08 -24.52
C ASP A 317 -9.37 24.78 -23.75
N GLN A 318 -10.05 23.77 -24.32
CA GLN A 318 -10.11 22.45 -23.71
C GLN A 318 -8.72 21.91 -23.40
N ALA A 319 -7.76 22.11 -24.32
CA ALA A 319 -6.40 21.59 -24.11
C ALA A 319 -5.78 22.15 -22.84
N GLN A 320 -5.89 23.47 -22.63
CA GLN A 320 -5.29 24.07 -21.44
C GLN A 320 -6.07 23.72 -20.18
N ALA A 321 -7.40 23.60 -20.30
CA ALA A 321 -8.18 23.19 -19.13
C ALA A 321 -7.67 21.85 -18.61
N CYS A 322 -7.40 20.91 -19.52
CA CYS A 322 -6.95 19.59 -19.07
C CYS A 322 -5.54 19.66 -18.51
N ALA A 323 -4.67 20.49 -19.09
CA ALA A 323 -3.32 20.59 -18.56
C ALA A 323 -3.32 21.13 -17.13
N VAL A 324 -4.14 22.16 -16.87
CA VAL A 324 -4.22 22.70 -15.51
C VAL A 324 -4.83 21.66 -14.57
N ALA A 325 -5.85 20.95 -15.04
CA ALA A 325 -6.47 19.92 -14.20
C ALA A 325 -5.47 18.81 -13.87
N ASN A 326 -4.72 18.37 -14.87
CA ASN A 326 -3.74 17.32 -14.63
C ASN A 326 -2.68 17.76 -13.62
N ARG A 327 -2.31 19.03 -13.68
CA ARG A 327 -1.35 19.57 -12.72
C ARG A 327 -1.94 19.60 -11.32
N ILE A 328 -3.23 19.96 -11.21
CA ILE A 328 -3.85 19.97 -9.90
C ILE A 328 -3.96 18.55 -9.34
N ALA A 329 -4.10 17.57 -10.22
CA ALA A 329 -4.22 16.17 -9.83
C ALA A 329 -5.31 16.03 -8.76
N PRO A 330 -6.57 16.34 -9.10
CA PRO A 330 -7.62 16.36 -8.08
C PRO A 330 -8.02 14.95 -7.66
N GLU A 331 -8.26 14.80 -6.34
CA GLU A 331 -8.86 13.57 -5.85
C GLU A 331 -10.25 13.34 -6.41
N HIS A 332 -11.02 14.42 -6.62
CA HIS A 332 -12.36 14.33 -7.20
C HIS A 332 -12.44 15.30 -8.36
N LEU A 333 -12.79 14.81 -9.54
CA LEU A 333 -12.92 15.63 -10.74
C LEU A 333 -14.36 15.59 -11.24
N GLU A 334 -14.98 16.76 -11.40
CA GLU A 334 -16.31 16.86 -12.02
C GLU A 334 -16.12 17.45 -13.41
N LEU A 335 -16.33 16.63 -14.45
CA LEU A 335 -16.15 17.05 -15.84
C LEU A 335 -17.49 17.50 -16.39
N SER A 336 -17.84 18.76 -16.09
CA SER A 336 -19.15 19.31 -16.43
C SER A 336 -19.08 19.90 -17.84
N VAL A 337 -19.01 19.00 -18.84
CA VAL A 337 -18.77 19.39 -20.21
C VAL A 337 -19.67 18.52 -21.11
N ALA A 338 -19.80 18.94 -22.37
CA ALA A 338 -20.69 18.24 -23.30
C ALA A 338 -20.25 16.80 -23.53
N ASP A 339 -18.96 16.58 -23.81
CA ASP A 339 -18.44 15.26 -24.18
C ASP A 339 -17.34 14.84 -23.23
N PRO A 340 -17.70 14.44 -22.01
CA PRO A 340 -16.67 14.20 -20.99
C PRO A 340 -15.66 13.13 -21.37
N GLU A 341 -16.05 12.10 -22.11
CA GLU A 341 -15.07 11.08 -22.48
C GLU A 341 -14.01 11.63 -23.43
N SER A 342 -14.21 12.82 -24.00
CA SER A 342 -13.21 13.50 -24.80
C SER A 342 -12.22 14.28 -23.96
N TRP A 343 -12.57 14.60 -22.72
CA TRP A 343 -11.66 15.35 -21.86
C TRP A 343 -10.82 14.46 -20.96
N LEU A 344 -11.38 13.36 -20.50
CA LEU A 344 -10.71 12.50 -19.52
C LEU A 344 -9.32 12.03 -19.95
N PRO A 345 -9.07 11.64 -21.20
CA PRO A 345 -7.73 11.11 -21.55
C PRO A 345 -6.60 12.08 -21.26
N GLU A 346 -6.85 13.38 -21.33
CA GLU A 346 -5.86 14.39 -21.03
C GLU A 346 -5.82 14.75 -19.54
N ILE A 347 -6.55 14.03 -18.68
CA ILE A 347 -6.46 14.32 -17.25
C ILE A 347 -6.23 13.03 -16.48
N ARG A 348 -5.14 12.33 -16.78
CA ARG A 348 -4.94 11.02 -16.20
C ARG A 348 -4.61 11.08 -14.70
N HIS A 349 -4.20 12.23 -14.17
CA HIS A 349 -3.80 12.30 -12.77
C HIS A 349 -4.95 12.55 -11.80
N ALA A 350 -6.18 12.64 -12.28
CA ALA A 350 -7.37 12.80 -11.44
C ALA A 350 -7.76 11.49 -10.76
N GLY A 351 -8.41 11.61 -9.59
CA GLY A 351 -8.90 10.45 -8.85
C GLY A 351 -10.26 9.95 -9.31
N ALA A 352 -11.28 10.13 -8.47
CA ALA A 352 -12.66 9.79 -8.84
C ALA A 352 -13.25 10.83 -9.79
N ILE A 353 -13.99 10.38 -10.79
CA ILE A 353 -14.42 11.24 -11.88
C ILE A 353 -15.94 11.20 -11.97
N PHE A 354 -16.56 12.39 -11.98
CA PHE A 354 -17.99 12.56 -12.17
C PHE A 354 -18.19 13.25 -13.51
N MET A 355 -18.93 12.61 -14.41
CA MET A 355 -18.98 13.05 -15.81
C MET A 355 -20.33 13.58 -16.24
N GLY A 356 -20.29 14.67 -17.02
CA GLY A 356 -21.47 15.30 -17.57
C GLY A 356 -22.07 16.32 -16.62
N ARG A 357 -23.11 16.99 -17.11
CA ARG A 357 -23.74 18.04 -16.32
C ARG A 357 -24.65 17.50 -15.25
N TYR A 358 -24.99 16.22 -15.31
CA TYR A 358 -26.01 15.67 -14.44
C TYR A 358 -25.44 14.90 -13.29
N THR A 359 -24.14 14.92 -13.10
CA THR A 359 -23.53 14.10 -12.09
C THR A 359 -22.82 15.01 -11.10
N ALA A 360 -23.52 15.27 -10.00
CA ALA A 360 -22.98 16.09 -8.93
C ALA A 360 -21.90 15.30 -8.21
N GLU A 361 -20.79 15.96 -7.94
CA GLU A 361 -19.76 15.34 -7.12
C GLU A 361 -20.29 14.87 -5.79
N ALA A 362 -21.32 15.55 -5.24
CA ALA A 362 -21.92 15.14 -3.98
C ALA A 362 -22.47 13.74 -4.00
N LEU A 363 -22.87 13.22 -5.18
CA LEU A 363 -23.37 11.84 -5.23
C LEU A 363 -22.29 10.87 -4.80
N GLY A 364 -21.02 11.23 -4.96
CA GLY A 364 -19.94 10.33 -4.60
C GLY A 364 -19.81 10.16 -3.11
N ASP A 365 -20.23 11.16 -2.33
CA ASP A 365 -20.23 11.05 -0.88
C ASP A 365 -21.44 10.28 -0.37
N TYR A 366 -22.52 10.25 -1.14
CA TYR A 366 -23.72 9.54 -0.74
C TYR A 366 -24.05 8.44 -1.75
N CYS A 367 -23.09 7.57 -1.99
CA CYS A 367 -23.26 6.50 -2.96
C CYS A 367 -24.27 5.48 -2.46
N ALA A 368 -25.29 5.18 -3.30
CA ALA A 368 -26.35 4.24 -2.95
C ALA A 368 -25.93 2.77 -3.10
N GLY A 369 -24.65 2.49 -3.37
CA GLY A 369 -24.17 1.14 -3.50
C GLY A 369 -24.20 0.64 -4.94
N PRO A 370 -23.27 -0.27 -5.29
CA PRO A 370 -23.21 -0.89 -6.62
C PRO A 370 -24.40 -1.82 -6.92
N GLY A 387 -11.47 -3.49 -1.10
CA GLY A 387 -12.55 -4.43 -0.84
C GLY A 387 -12.18 -5.55 0.11
N VAL A 388 -12.80 -6.72 -0.07
CA VAL A 388 -12.56 -7.85 0.82
C VAL A 388 -11.07 -8.17 0.88
N TYR A 389 -10.39 -8.08 -0.28
CA TYR A 389 -8.96 -8.37 -0.35
C TYR A 389 -8.18 -7.60 0.72
N ASP A 390 -8.54 -6.32 0.92
CA ASP A 390 -7.82 -5.45 1.83
C ASP A 390 -7.96 -5.86 3.30
N PHE A 391 -8.85 -6.80 3.63
CA PHE A 391 -9.04 -7.30 4.99
C PHE A 391 -8.61 -8.77 5.14
N GLN A 392 -7.77 -9.25 4.25
CA GLN A 392 -7.28 -10.63 4.28
C GLN A 392 -5.75 -10.62 4.29
N LYS A 393 -5.18 -11.65 4.90
CA LYS A 393 -3.75 -11.91 4.84
C LYS A 393 -3.54 -13.11 3.94
N ARG A 394 -2.48 -13.09 3.15
CA ARG A 394 -2.20 -14.14 2.17
C ARG A 394 -0.80 -14.69 2.39
N SER A 395 -0.69 -16.02 2.36
CA SER A 395 0.59 -16.74 2.34
C SER A 395 0.71 -17.42 1.00
N SER A 396 1.74 -17.11 0.24
CA SER A 396 1.94 -17.80 -1.01
C SER A 396 2.57 -19.17 -0.73
N ILE A 397 2.21 -20.16 -1.54
CA ILE A 397 2.58 -21.55 -1.29
C ILE A 397 3.16 -22.14 -2.56
N ILE A 398 4.32 -22.77 -2.44
CA ILE A 398 4.90 -23.54 -3.54
C ILE A 398 5.34 -24.89 -3.00
N ASN A 399 4.84 -25.96 -3.63
CA ASN A 399 5.08 -27.35 -3.25
C ASN A 399 5.51 -28.08 -4.52
N CYS A 400 6.80 -28.01 -4.84
CA CYS A 400 7.29 -28.63 -6.06
C CYS A 400 7.20 -30.15 -6.00
N SER A 401 6.79 -30.75 -7.10
CA SER A 401 7.12 -32.15 -7.31
C SER A 401 8.61 -32.25 -7.62
N ALA A 402 9.11 -33.48 -7.66
CA ALA A 402 10.50 -33.68 -8.08
C ALA A 402 10.73 -33.12 -9.48
N GLU A 403 9.79 -33.35 -10.39
CA GLU A 403 9.93 -32.83 -11.74
C GLU A 403 9.88 -31.30 -11.75
N GLY A 404 8.93 -30.72 -11.02
CA GLY A 404 8.86 -29.26 -10.97
C GLY A 404 10.11 -28.62 -10.39
N ALA A 405 10.68 -29.23 -9.35
CA ALA A 405 11.91 -28.70 -8.77
C ALA A 405 13.07 -28.78 -9.76
N SER A 406 13.04 -29.79 -10.65
CA SER A 406 14.09 -29.89 -11.67
C SER A 406 14.00 -28.73 -12.66
N VAL A 407 12.80 -28.48 -13.18
CA VAL A 407 12.58 -27.37 -14.11
C VAL A 407 13.01 -26.06 -13.47
N LEU A 408 12.45 -25.74 -12.29
CA LEU A 408 12.80 -24.48 -11.64
C LEU A 408 14.27 -24.46 -11.24
N GLY A 409 14.78 -25.59 -10.74
CA GLY A 409 16.15 -25.62 -10.25
C GLY A 409 17.19 -25.39 -11.33
N ARG A 410 16.90 -25.82 -12.56
CA ARG A 410 17.90 -25.65 -13.62
C ARG A 410 18.15 -24.17 -13.87
N THR A 411 17.09 -23.36 -13.92
CA THR A 411 17.22 -21.93 -14.10
C THR A 411 17.95 -21.29 -12.91
N ALA A 412 17.49 -21.59 -11.71
CA ALA A 412 18.08 -21.01 -10.51
C ALA A 412 19.55 -21.38 -10.40
N SER A 413 19.90 -22.64 -10.71
CA SER A 413 21.27 -23.11 -10.59
C SER A 413 22.22 -22.25 -11.41
N VAL A 414 21.88 -22.01 -12.67
CA VAL A 414 22.74 -21.22 -13.54
C VAL A 414 22.90 -19.80 -12.99
N LEU A 415 21.79 -19.13 -12.69
CA LEU A 415 21.85 -17.74 -12.27
C LEU A 415 22.61 -17.59 -10.95
N ALA A 416 22.32 -18.45 -9.97
CA ALA A 416 23.02 -18.39 -8.69
C ALA A 416 24.51 -18.58 -8.85
N ARG A 417 24.92 -19.62 -9.59
CA ARG A 417 26.35 -19.86 -9.78
C ARG A 417 27.00 -18.69 -10.50
N GLY A 418 26.26 -18.02 -11.38
CA GLY A 418 26.81 -16.87 -12.07
C GLY A 418 27.30 -15.77 -11.14
N GLU A 419 26.63 -15.60 -9.99
CA GLU A 419 27.03 -14.54 -9.05
C GLU A 419 27.56 -15.10 -7.74
N SER A 420 28.03 -16.36 -7.76
CA SER A 420 28.78 -16.98 -6.67
C SER A 420 27.91 -17.34 -5.47
N LEU A 421 26.59 -17.44 -5.65
CA LEU A 421 25.70 -17.84 -4.57
C LEU A 421 25.57 -19.37 -4.61
N THR A 422 26.66 -20.02 -4.24
CA THR A 422 26.75 -21.46 -4.47
C THR A 422 25.90 -22.27 -3.50
N ALA A 423 25.53 -21.70 -2.36
CA ALA A 423 24.59 -22.40 -1.49
C ALA A 423 23.19 -22.39 -2.11
N HIS A 424 22.76 -21.24 -2.62
CA HIS A 424 21.53 -21.20 -3.41
C HIS A 424 21.54 -22.28 -4.48
N ALA A 425 22.65 -22.37 -5.23
CA ALA A 425 22.70 -23.26 -6.39
C ALA A 425 22.65 -24.72 -5.97
N ARG A 426 23.47 -25.09 -4.98
CA ARG A 426 23.50 -26.49 -4.57
C ARG A 426 22.21 -26.90 -3.88
N SER A 427 21.60 -25.95 -3.16
CA SER A 427 20.29 -26.17 -2.57
C SER A 427 19.30 -26.60 -3.64
N ALA A 428 19.26 -25.86 -4.75
CA ALA A 428 18.37 -26.22 -5.85
C ALA A 428 18.83 -27.50 -6.55
N GLU A 429 20.14 -27.70 -6.68
CA GLU A 429 20.64 -28.84 -7.45
C GLU A 429 20.32 -30.17 -6.78
N TYR A 430 20.25 -30.20 -5.46
CA TYR A 430 19.95 -31.45 -4.76
C TYR A 430 18.66 -32.09 -5.26
N ARG A 431 17.72 -31.30 -5.78
CA ARG A 431 16.42 -31.81 -6.24
C ARG A 431 16.29 -31.90 -7.75
N ILE A 432 17.32 -31.52 -8.50
CA ILE A 432 17.29 -31.65 -9.95
C ILE A 432 17.49 -33.11 -10.33
N LEU A 433 16.53 -33.68 -11.06
CA LEU A 433 16.68 -35.00 -11.66
C LEU A 433 17.58 -34.92 -12.90
N ASP A 434 18.36 -35.98 -13.14
CA ASP A 434 19.08 -36.06 -14.40
C ASP A 434 18.12 -36.40 -15.54
N GLU A 435 18.39 -35.83 -16.70
CA GLU A 435 17.56 -36.11 -17.87
C GLU A 435 17.83 -37.52 -18.38
N LYS A 436 16.78 -38.12 -18.97
CA LYS A 436 16.83 -39.41 -19.68
C LYS A 436 18.20 -39.82 -20.21
N ALA B 1 39.03 -27.73 13.58
CA ALA B 1 38.03 -27.03 14.39
C ALA B 1 36.70 -26.93 13.66
N PRO B 2 36.00 -28.07 13.49
CA PRO B 2 34.74 -28.04 12.74
C PRO B 2 33.74 -27.08 13.36
N PHE B 3 32.98 -26.40 12.49
CA PHE B 3 32.02 -25.41 12.98
C PHE B 3 30.91 -26.12 13.74
N ALA B 4 30.58 -25.57 14.91
CA ALA B 4 29.52 -26.10 15.77
C ALA B 4 28.36 -25.11 15.73
N ILE B 5 27.33 -25.46 14.95
CA ILE B 5 26.11 -24.66 14.92
C ILE B 5 25.53 -24.54 16.32
N ARG B 6 25.06 -23.35 16.66
CA ARG B 6 24.36 -23.13 17.91
C ARG B 6 23.16 -24.06 18.05
N ARG B 7 22.96 -24.60 19.25
CA ARG B 7 21.87 -25.52 19.54
C ARG B 7 20.97 -24.95 20.63
N LEU B 8 19.65 -25.05 20.43
CA LEU B 8 18.67 -24.65 21.45
C LEU B 8 17.65 -25.77 21.63
N ASN B 9 17.05 -25.81 22.82
CA ASN B 9 16.08 -26.85 23.19
C ASN B 9 14.93 -26.21 23.94
N ALA B 10 13.72 -26.37 23.38
CA ALA B 10 12.53 -25.77 23.98
C ALA B 10 12.26 -26.29 25.39
N ALA B 11 12.82 -27.44 25.75
CA ALA B 11 12.64 -28.00 27.09
C ALA B 11 13.42 -27.21 28.15
N ASP B 12 14.45 -26.50 27.73
CA ASP B 12 15.27 -25.70 28.62
C ASP B 12 14.38 -24.65 29.29
N PRO B 13 14.63 -24.23 30.52
CA PRO B 13 13.73 -23.22 31.11
C PRO B 13 14.05 -21.76 30.84
N ASP B 14 15.32 -21.61 30.30
CA ASP B 14 15.71 -20.32 29.76
C ASP B 14 15.45 -20.18 28.26
N PHE B 15 14.67 -21.09 27.67
CA PHE B 15 14.53 -21.10 26.21
C PHE B 15 13.85 -19.83 25.72
N GLY B 16 12.75 -19.43 26.37
CA GLY B 16 12.01 -18.25 25.93
C GLY B 16 12.88 -17.02 25.82
N ARG B 17 13.71 -16.76 26.84
CA ARG B 17 14.56 -15.58 26.80
C ARG B 17 15.75 -15.76 25.86
N HIS B 18 16.37 -16.93 25.85
CA HIS B 18 17.47 -17.16 24.93
C HIS B 18 17.03 -16.95 23.48
N LEU B 19 15.89 -17.54 23.10
CA LEU B 19 15.35 -17.34 21.75
C LEU B 19 14.94 -15.88 21.52
N ASP B 20 14.35 -15.24 22.52
CA ASP B 20 14.01 -13.82 22.42
C ASP B 20 15.23 -12.97 22.07
N HIS B 21 16.36 -13.24 22.72
CA HIS B 21 17.57 -12.46 22.45
C HIS B 21 18.12 -12.76 21.06
N LEU B 22 18.07 -14.03 20.65
CA LEU B 22 18.54 -14.39 19.32
C LEU B 22 17.73 -13.70 18.24
N LEU B 23 16.43 -13.52 18.47
CA LEU B 23 15.55 -12.94 17.47
C LEU B 23 15.60 -11.42 17.42
N SER B 24 16.15 -10.75 18.45
CA SER B 24 15.97 -9.32 18.57
C SER B 24 17.24 -8.50 18.66
N TRP B 25 18.40 -9.11 18.92
CA TRP B 25 19.62 -8.33 19.11
C TRP B 25 20.02 -7.59 17.82
N GLU B 26 20.54 -6.37 17.99
CA GLU B 26 20.80 -5.45 16.90
C GLU B 26 22.20 -4.86 17.06
N SER B 27 22.94 -4.73 15.96
CA SER B 27 24.27 -4.13 16.02
C SER B 27 24.18 -2.62 16.28
N VAL B 28 23.60 -1.87 15.32
CA VAL B 28 23.38 -0.44 15.46
C VAL B 28 21.94 -0.26 15.88
N SER B 29 21.69 0.78 16.63
CA SER B 29 20.34 0.97 17.14
C SER B 29 19.30 1.06 16.06
N ASP B 30 18.03 1.15 16.48
CA ASP B 30 16.96 1.51 15.57
C ASP B 30 16.99 3.01 15.34
N ASP B 31 17.15 3.74 16.45
CA ASP B 31 17.23 5.19 16.46
C ASP B 31 18.43 5.71 15.67
N SER B 32 19.62 5.12 15.85
CA SER B 32 20.77 5.53 15.04
C SER B 32 20.70 5.24 13.55
N VAL B 33 20.16 4.08 13.17
CA VAL B 33 20.00 3.75 11.76
C VAL B 33 18.86 4.65 11.29
N ASN B 34 17.79 4.71 12.08
CA ASN B 34 16.66 5.53 11.66
C ASN B 34 17.04 7.02 11.67
N GLN B 35 17.92 7.43 12.59
CA GLN B 35 18.32 8.84 12.67
C GLN B 35 19.18 9.23 11.48
N ARG B 36 20.15 8.37 11.14
CA ARG B 36 20.94 8.56 9.94
C ARG B 36 20.06 8.67 8.70
N VAL B 37 18.98 7.89 8.65
CA VAL B 37 18.10 7.93 7.50
C VAL B 37 17.34 9.25 7.45
N LEU B 38 16.74 9.64 8.57
CA LEU B 38 16.03 10.92 8.61
C LEU B 38 16.95 12.07 8.21
N ASP B 39 18.23 11.98 8.57
CA ASP B 39 19.18 13.02 8.20
C ASP B 39 19.45 13.01 6.70
N ILE B 40 19.68 11.82 6.14
CA ILE B 40 20.02 11.72 4.72
C ILE B 40 18.85 12.19 3.85
N ILE B 41 17.62 11.89 4.27
CA ILE B 41 16.44 12.30 3.51
C ILE B 41 16.34 13.82 3.47
N ALA B 42 16.49 14.48 4.64
CA ALA B 42 16.43 15.94 4.67
C ALA B 42 17.55 16.54 3.84
N ALA B 43 18.73 15.91 3.84
CA ALA B 43 19.88 16.45 3.12
C ALA B 43 19.63 16.49 1.61
N VAL B 44 19.13 15.39 1.03
CA VAL B 44 18.92 15.36 -0.41
C VAL B 44 17.66 16.15 -0.81
N ARG B 45 16.70 16.29 0.10
CA ARG B 45 15.59 17.20 -0.18
C ARG B 45 16.07 18.65 -0.27
N SER B 46 17.15 18.98 0.44
CA SER B 46 17.67 20.34 0.51
C SER B 46 18.75 20.58 -0.55
N ARG B 47 19.80 19.77 -0.55
CA ARG B 47 20.97 19.97 -1.38
C ARG B 47 20.89 19.18 -2.68
N GLY B 48 19.81 18.45 -2.92
CA GLY B 48 19.58 17.81 -4.20
C GLY B 48 20.73 16.92 -4.63
N ASP B 49 21.19 17.13 -5.87
CA ASP B 49 22.21 16.30 -6.48
C ASP B 49 23.49 16.24 -5.63
N ALA B 50 23.88 17.39 -5.06
CA ALA B 50 25.13 17.44 -4.30
C ALA B 50 25.10 16.44 -3.15
N ALA B 51 23.98 16.36 -2.43
CA ALA B 51 23.89 15.42 -1.32
C ALA B 51 24.02 13.98 -1.81
N VAL B 52 23.36 13.64 -2.92
CA VAL B 52 23.47 12.29 -3.48
C VAL B 52 24.92 11.94 -3.78
N VAL B 53 25.65 12.86 -4.43
CA VAL B 53 27.04 12.58 -4.77
C VAL B 53 27.88 12.44 -3.50
N GLU B 54 27.62 13.28 -2.50
CA GLU B 54 28.38 13.21 -1.26
C GLU B 54 28.13 11.89 -0.54
N PHE B 55 26.86 11.53 -0.36
CA PHE B 55 26.54 10.27 0.30
C PHE B 55 27.06 9.08 -0.49
N THR B 56 27.10 9.19 -1.83
CA THR B 56 27.60 8.09 -2.64
C THR B 56 29.12 7.93 -2.49
N GLN B 57 29.85 9.05 -2.46
CA GLN B 57 31.29 8.97 -2.22
C GLN B 57 31.60 8.35 -0.87
N ARG B 58 30.91 8.81 0.18
CA ARG B 58 31.23 8.34 1.52
C ARG B 58 30.83 6.88 1.71
N PHE B 59 29.58 6.55 1.42
CA PHE B 59 29.03 5.23 1.76
C PHE B 59 29.31 4.17 0.70
N ASP B 60 29.55 4.55 -0.55
CA ASP B 60 29.88 3.59 -1.59
C ASP B 60 31.34 3.65 -2.00
N GLY B 61 32.07 4.70 -1.64
CA GLY B 61 33.49 4.77 -1.91
C GLY B 61 33.77 4.91 -3.39
N LEU B 62 33.02 5.80 -4.05
CA LEU B 62 33.14 6.02 -5.47
C LEU B 62 33.82 7.35 -5.75
N GLN B 63 34.68 7.35 -6.76
CA GLN B 63 35.37 8.56 -7.22
C GLN B 63 34.55 9.18 -8.35
N ALA B 64 33.44 9.80 -7.97
CA ALA B 64 32.52 10.41 -8.91
C ALA B 64 32.41 11.89 -8.61
N ALA B 65 32.81 12.71 -9.58
CA ALA B 65 32.89 14.15 -9.37
C ALA B 65 31.52 14.80 -9.38
N SER B 66 30.60 14.31 -10.20
CA SER B 66 29.28 14.91 -10.35
C SER B 66 28.26 13.83 -10.65
N MET B 67 26.98 14.23 -10.61
CA MET B 67 25.88 13.32 -10.86
C MET B 67 25.98 12.64 -12.21
N ALA B 68 26.63 13.28 -13.20
CA ALA B 68 26.69 12.69 -14.53
C ALA B 68 27.57 11.45 -14.58
N ASP B 69 28.51 11.30 -13.65
CA ASP B 69 29.31 10.08 -13.60
C ASP B 69 28.61 8.93 -12.90
N LEU B 70 27.45 9.16 -12.30
CA LEU B 70 26.69 8.10 -11.65
C LEU B 70 25.48 7.66 -12.49
N ILE B 71 25.48 8.00 -13.77
CA ILE B 71 24.43 7.63 -14.70
C ILE B 71 25.01 6.60 -15.65
N LEU B 72 24.38 5.41 -15.70
CA LEU B 72 24.81 4.37 -16.63
C LEU B 72 23.92 4.41 -17.86
N PRO B 73 24.47 4.57 -19.06
CA PRO B 73 23.63 4.62 -20.26
C PRO B 73 23.01 3.27 -20.57
N ARG B 74 21.90 3.31 -21.33
CA ARG B 74 21.23 2.07 -21.70
C ARG B 74 22.17 1.13 -22.45
N GLU B 75 23.16 1.69 -23.15
CA GLU B 75 24.09 0.86 -23.88
C GLU B 75 24.89 -0.03 -22.95
N ARG B 76 25.23 0.49 -21.76
CA ARG B 76 25.98 -0.29 -20.77
C ARG B 76 25.18 -1.51 -20.30
N LEU B 77 23.85 -1.42 -20.34
CA LEU B 77 23.01 -2.58 -20.06
C LEU B 77 23.10 -3.61 -21.19
N GLU B 78 23.06 -3.15 -22.45
CA GLU B 78 23.20 -4.07 -23.59
C GLU B 78 24.55 -4.76 -23.56
N LEU B 79 25.58 -4.02 -23.17
CA LEU B 79 26.91 -4.62 -23.08
C LEU B 79 26.98 -5.67 -21.99
N ALA B 80 26.25 -5.46 -20.87
CA ALA B 80 26.17 -6.50 -19.86
C ALA B 80 25.57 -7.77 -20.45
N LEU B 81 24.59 -7.60 -21.34
CA LEU B 81 23.90 -8.75 -21.90
C LEU B 81 24.86 -9.60 -22.73
N THR B 82 25.77 -8.95 -23.42
CA THR B 82 26.78 -9.66 -24.18
C THR B 82 27.93 -10.19 -23.31
N ARG B 83 28.12 -9.69 -22.11
CA ARG B 83 29.20 -10.15 -21.27
C ARG B 83 28.97 -11.40 -20.49
N ILE B 84 27.73 -11.77 -20.23
CA ILE B 84 27.45 -12.95 -19.48
C ILE B 84 27.50 -14.13 -20.43
N THR B 85 27.57 -15.33 -19.90
CA THR B 85 27.65 -16.54 -20.71
C THR B 85 26.34 -16.81 -21.43
N VAL B 86 26.40 -17.77 -22.37
CA VAL B 86 25.19 -18.17 -23.11
C VAL B 86 24.16 -18.76 -22.16
N ALA B 87 24.59 -19.68 -21.27
CA ALA B 87 23.65 -20.34 -20.37
C ALA B 87 23.01 -19.33 -19.41
N GLN B 88 23.76 -18.32 -18.99
CA GLN B 88 23.18 -17.30 -18.09
C GLN B 88 22.18 -16.42 -18.83
N ARG B 89 22.49 -16.02 -20.08
CA ARG B 89 21.54 -15.21 -20.84
C ARG B 89 20.26 -15.97 -21.10
N GLU B 90 20.35 -17.25 -21.44
CA GLU B 90 19.14 -18.02 -21.72
C GLU B 90 18.33 -18.22 -20.45
N ALA B 91 19.01 -18.41 -19.31
CA ALA B 91 18.28 -18.56 -18.05
C ALA B 91 17.51 -17.29 -17.72
N LEU B 92 18.15 -16.13 -17.88
CA LEU B 92 17.44 -14.86 -17.72
C LEU B 92 16.28 -14.75 -18.70
N GLU B 93 16.50 -15.15 -19.96
CA GLU B 93 15.41 -15.08 -20.94
C GLU B 93 14.27 -16.03 -20.63
N VAL B 94 14.59 -17.23 -20.15
CA VAL B 94 13.56 -18.17 -19.75
C VAL B 94 12.73 -17.61 -18.58
N ALA B 95 13.42 -17.10 -17.56
CA ALA B 95 12.71 -16.52 -16.42
C ALA B 95 11.84 -15.36 -16.85
N ALA B 96 12.37 -14.49 -17.73
CA ALA B 96 11.61 -13.33 -18.18
C ALA B 96 10.38 -13.76 -18.98
N GLU B 97 10.52 -14.82 -19.78
CA GLU B 97 9.39 -15.36 -20.53
C GLU B 97 8.24 -15.70 -19.61
N ARG B 98 8.54 -16.41 -18.51
CA ARG B 98 7.49 -16.87 -17.62
C ARG B 98 6.83 -15.70 -16.91
N VAL B 99 7.64 -14.71 -16.50
CA VAL B 99 7.10 -13.53 -15.82
C VAL B 99 6.24 -12.73 -16.77
N ARG B 100 6.75 -12.47 -17.97
CA ARG B 100 6.07 -11.60 -18.93
C ARG B 100 4.75 -12.21 -19.40
N SER B 101 4.77 -13.51 -19.73
CA SER B 101 3.56 -14.25 -20.07
C SER B 101 2.48 -14.06 -19.00
N TYR B 102 2.84 -14.29 -17.75
CA TYR B 102 1.89 -14.23 -16.65
C TYR B 102 1.29 -12.84 -16.53
N HIS B 103 2.14 -11.81 -16.53
CA HIS B 103 1.62 -10.44 -16.35
C HIS B 103 0.76 -10.00 -17.53
N GLU B 104 1.07 -10.46 -18.74
CA GLU B 104 0.19 -10.18 -19.88
C GLU B 104 -1.21 -10.74 -19.67
N LYS B 105 -1.32 -11.96 -19.12
CA LYS B 105 -2.62 -12.56 -18.87
C LYS B 105 -3.37 -11.83 -17.77
N GLN B 106 -2.66 -11.21 -16.83
CA GLN B 106 -3.31 -10.55 -15.72
C GLN B 106 -3.73 -9.11 -16.03
N LYS B 107 -3.15 -8.50 -17.06
CA LYS B 107 -3.36 -7.07 -17.29
C LYS B 107 -4.82 -6.79 -17.59
N GLN B 108 -5.39 -5.81 -16.88
CA GLN B 108 -6.76 -5.37 -17.10
C GLN B 108 -6.75 -3.91 -17.52
N GLY B 109 -7.76 -3.52 -18.29
CA GLY B 109 -7.82 -2.18 -18.80
C GLY B 109 -9.11 -1.48 -18.41
N SER B 110 -9.34 -0.32 -19.01
CA SER B 110 -10.50 0.48 -18.71
C SER B 110 -11.77 -0.23 -19.18
N TRP B 111 -12.88 0.11 -18.53
CA TRP B 111 -14.17 -0.47 -18.89
C TRP B 111 -15.29 0.54 -18.62
N ARG B 112 -16.43 0.30 -19.27
CA ARG B 112 -17.65 1.06 -19.09
C ARG B 112 -18.84 0.09 -19.08
N TYR B 113 -19.85 0.41 -18.30
CA TYR B 113 -21.08 -0.39 -18.27
C TYR B 113 -22.26 0.56 -18.17
N THR B 114 -23.29 0.32 -18.98
CA THR B 114 -24.48 1.17 -19.03
C THR B 114 -25.60 0.51 -18.24
N GLU B 115 -26.06 1.20 -17.21
CA GLU B 115 -27.16 0.71 -16.40
C GLU B 115 -28.47 0.82 -17.17
N ALA B 116 -29.54 0.25 -16.61
CA ALA B 116 -30.83 0.28 -17.31
C ALA B 116 -31.31 1.71 -17.57
N ASP B 117 -31.05 2.63 -16.66
CA ASP B 117 -31.58 3.98 -16.82
C ASP B 117 -30.70 4.86 -17.67
N GLY B 118 -29.66 4.29 -18.30
CA GLY B 118 -28.71 5.07 -19.08
C GLY B 118 -27.46 5.54 -18.34
N THR B 119 -27.42 5.42 -17.01
CA THR B 119 -26.22 5.83 -16.28
C THR B 119 -25.04 4.93 -16.65
N VAL B 120 -23.88 5.54 -16.91
CA VAL B 120 -22.68 4.80 -17.25
C VAL B 120 -21.74 4.77 -16.05
N LEU B 121 -21.29 3.58 -15.68
CA LEU B 121 -20.27 3.39 -14.66
C LEU B 121 -19.04 2.77 -15.29
N GLY B 122 -17.91 2.90 -14.62
CA GLY B 122 -16.71 2.24 -15.11
C GLY B 122 -15.47 2.66 -14.38
N GLN B 123 -14.34 2.31 -14.98
CA GLN B 123 -13.04 2.65 -14.45
C GLN B 123 -12.13 3.03 -15.59
N GLN B 124 -11.36 4.08 -15.39
CA GLN B 124 -10.32 4.45 -16.32
C GLN B 124 -8.98 3.98 -15.75
N VAL B 125 -8.26 3.17 -16.52
CA VAL B 125 -7.02 2.54 -16.08
C VAL B 125 -5.90 3.13 -16.91
N THR B 126 -4.89 3.66 -16.24
CA THR B 126 -3.73 4.20 -16.93
C THR B 126 -2.48 3.74 -16.21
N PRO B 127 -1.37 3.65 -16.92
CA PRO B 127 -0.10 3.33 -16.25
C PRO B 127 0.44 4.52 -15.46
N LEU B 128 1.15 4.20 -14.38
CA LEU B 128 1.94 5.23 -13.71
C LEU B 128 2.96 5.81 -14.66
N ASP B 129 3.27 7.10 -14.47
CA ASP B 129 4.23 7.75 -15.35
C ASP B 129 5.62 7.16 -15.18
N ARG B 130 6.06 6.98 -13.93
CA ARG B 130 7.43 6.54 -13.67
C ARG B 130 7.44 5.64 -12.44
N ALA B 131 8.24 4.57 -12.51
CA ALA B 131 8.47 3.70 -11.37
C ALA B 131 9.96 3.59 -11.10
N GLY B 132 10.34 3.52 -9.83
CA GLY B 132 11.72 3.41 -9.43
C GLY B 132 11.95 2.05 -8.78
N LEU B 133 12.98 1.36 -9.26
CA LEU B 133 13.32 0.02 -8.84
C LEU B 133 14.64 0.07 -8.07
N TYR B 134 14.61 -0.34 -6.80
CA TYR B 134 15.83 -0.48 -6.02
C TYR B 134 16.43 -1.87 -6.24
N VAL B 135 17.71 -1.91 -6.59
CA VAL B 135 18.44 -3.15 -6.83
C VAL B 135 19.69 -3.15 -5.96
N PRO B 136 19.84 -4.07 -5.00
CA PRO B 136 21.07 -4.13 -4.21
C PRO B 136 22.31 -4.27 -5.08
N GLY B 137 23.41 -3.69 -4.58
CA GLY B 137 24.69 -3.81 -5.26
C GLY B 137 25.37 -5.13 -4.97
N GLY B 138 26.46 -5.39 -5.69
CA GLY B 138 27.29 -6.55 -5.42
C GLY B 138 26.69 -7.87 -5.91
N LYS B 139 27.28 -8.96 -5.42
CA LYS B 139 26.90 -10.29 -5.89
C LYS B 139 25.62 -10.80 -5.24
N ALA B 140 25.28 -10.31 -4.04
CA ALA B 140 24.08 -10.76 -3.35
C ALA B 140 22.86 -9.98 -3.83
N SER B 141 22.67 -9.92 -5.15
CA SER B 141 21.54 -9.21 -5.73
C SER B 141 20.85 -10.19 -6.67
N TYR B 142 19.63 -10.58 -6.33
CA TYR B 142 18.91 -11.55 -7.15
C TYR B 142 18.44 -10.90 -8.44
N PRO B 143 18.82 -11.44 -9.60
CA PRO B 143 18.27 -10.92 -10.86
C PRO B 143 16.77 -11.02 -10.91
N SER B 144 16.20 -12.02 -10.22
CA SER B 144 14.76 -12.13 -10.08
C SER B 144 14.11 -10.80 -9.73
N SER B 145 14.70 -10.04 -8.82
CA SER B 145 14.09 -8.80 -8.36
C SER B 145 13.93 -7.81 -9.48
N VAL B 146 14.92 -7.72 -10.36
CA VAL B 146 14.83 -6.85 -11.52
C VAL B 146 13.70 -7.31 -12.44
N LEU B 147 13.69 -8.61 -12.78
CA LEU B 147 12.67 -9.12 -13.69
C LEU B 147 11.28 -8.99 -13.10
N MET B 148 11.14 -9.31 -11.81
CA MET B 148 9.82 -9.35 -11.18
C MET B 148 9.19 -7.98 -11.05
N ASN B 149 9.97 -6.89 -11.09
CA ASN B 149 9.45 -5.54 -10.92
C ASN B 149 9.46 -4.76 -12.21
N ALA B 150 10.52 -4.85 -13.01
CA ALA B 150 10.54 -4.04 -14.21
C ALA B 150 9.58 -4.57 -15.27
N ILE B 151 9.40 -5.89 -15.36
CA ILE B 151 8.56 -6.46 -16.40
C ILE B 151 7.07 -6.10 -16.17
N PRO B 152 6.47 -6.33 -15.00
CA PRO B 152 5.09 -5.84 -14.83
C PRO B 152 4.93 -4.35 -15.05
N ALA B 153 5.93 -3.53 -14.69
CA ALA B 153 5.83 -2.10 -14.99
C ALA B 153 5.76 -1.86 -16.49
N LYS B 154 6.65 -2.50 -17.26
CA LYS B 154 6.58 -2.27 -18.71
C LYS B 154 5.29 -2.83 -19.28
N VAL B 155 4.84 -3.99 -18.79
CA VAL B 155 3.59 -4.55 -19.30
C VAL B 155 2.43 -3.62 -19.02
N ALA B 156 2.42 -2.99 -17.84
CA ALA B 156 1.42 -1.97 -17.49
C ALA B 156 1.49 -0.75 -18.38
N GLY B 157 2.61 -0.52 -19.04
CA GLY B 157 2.79 0.68 -19.84
C GLY B 157 3.51 1.83 -19.14
N VAL B 158 4.19 1.58 -18.02
CA VAL B 158 4.98 2.64 -17.39
C VAL B 158 6.02 3.12 -18.37
N SER B 159 6.03 4.42 -18.65
CA SER B 159 6.89 4.88 -19.74
C SER B 159 8.35 5.02 -19.32
N GLU B 160 8.63 5.14 -18.03
CA GLU B 160 10.01 5.31 -17.59
C GLU B 160 10.22 4.48 -16.33
N VAL B 161 10.98 3.40 -16.47
CA VAL B 161 11.35 2.54 -15.35
C VAL B 161 12.79 2.90 -15.02
N VAL B 162 12.98 3.48 -13.83
CA VAL B 162 14.26 3.94 -13.34
C VAL B 162 14.80 2.94 -12.34
N MET B 163 16.04 2.51 -12.53
CA MET B 163 16.71 1.62 -11.61
C MET B 163 17.83 2.34 -10.88
N VAL B 164 17.93 2.12 -9.56
CA VAL B 164 19.09 2.56 -8.78
C VAL B 164 19.80 1.31 -8.29
N VAL B 165 21.12 1.28 -8.46
CA VAL B 165 21.89 0.13 -7.98
C VAL B 165 23.25 0.66 -7.54
N PRO B 166 23.58 0.61 -6.26
CA PRO B 166 24.90 1.08 -5.83
C PRO B 166 25.98 0.17 -6.40
N THR B 167 27.14 0.77 -6.69
CA THR B 167 28.29 0.03 -7.19
C THR B 167 29.44 0.25 -6.22
N PRO B 168 29.49 -0.51 -5.14
CA PRO B 168 30.54 -0.32 -4.13
C PRO B 168 31.93 -0.54 -4.74
N ARG B 169 32.76 0.49 -4.65
CA ARG B 169 34.10 0.48 -5.24
C ARG B 169 34.07 0.14 -6.73
N GLY B 170 33.00 0.54 -7.42
CA GLY B 170 32.87 0.32 -8.85
C GLY B 170 32.48 -1.08 -9.27
N GLU B 171 32.22 -1.99 -8.32
CA GLU B 171 31.86 -3.35 -8.68
C GLU B 171 30.47 -3.40 -9.30
N ILE B 172 30.34 -4.18 -10.37
CA ILE B 172 29.13 -4.27 -11.16
C ILE B 172 28.75 -5.73 -11.34
N ASN B 173 27.48 -6.05 -11.11
CA ASN B 173 26.94 -7.39 -11.30
C ASN B 173 26.38 -7.50 -12.71
N GLU B 174 27.10 -8.22 -13.60
CA GLU B 174 26.73 -8.19 -15.01
C GLU B 174 25.41 -8.91 -15.25
N ILE B 175 25.12 -9.92 -14.44
CA ILE B 175 23.87 -10.63 -14.57
C ILE B 175 22.71 -9.72 -14.19
N VAL B 176 22.91 -8.91 -13.14
CA VAL B 176 21.87 -7.97 -12.73
C VAL B 176 21.63 -6.92 -13.81
N LEU B 177 22.70 -6.35 -14.38
CA LEU B 177 22.50 -5.37 -15.44
C LEU B 177 21.92 -6.00 -16.69
N ALA B 178 22.29 -7.25 -17.00
CA ALA B 178 21.71 -7.95 -18.14
C ALA B 178 20.22 -8.19 -17.93
N ALA B 179 19.84 -8.59 -16.71
CA ALA B 179 18.42 -8.68 -16.37
C ALA B 179 17.70 -7.37 -16.64
N ALA B 180 18.34 -6.25 -16.29
CA ALA B 180 17.73 -4.95 -16.50
C ALA B 180 17.54 -4.66 -17.97
N CYS B 181 18.48 -5.11 -18.79
CA CYS B 181 18.32 -4.87 -20.22
C CYS B 181 17.13 -5.66 -20.75
N ILE B 182 17.06 -6.94 -20.41
CA ILE B 182 15.96 -7.80 -20.82
C ILE B 182 14.62 -7.29 -20.29
N ALA B 183 14.61 -6.79 -19.06
CA ALA B 183 13.34 -6.40 -18.48
C ALA B 183 12.88 -5.03 -18.92
N GLY B 184 13.70 -4.32 -19.71
CA GLY B 184 13.28 -3.05 -20.27
C GLY B 184 13.45 -1.86 -19.38
N VAL B 185 14.40 -1.91 -18.43
CA VAL B 185 14.75 -0.73 -17.64
C VAL B 185 15.16 0.40 -18.57
N ASP B 186 14.71 1.62 -18.25
CA ASP B 186 15.00 2.77 -19.13
C ASP B 186 16.25 3.57 -18.74
N ARG B 187 16.44 3.83 -17.45
CA ARG B 187 17.57 4.61 -16.96
C ARG B 187 18.10 3.96 -15.69
N VAL B 188 19.41 4.09 -15.47
CA VAL B 188 20.07 3.50 -14.32
C VAL B 188 20.91 4.59 -13.65
N PHE B 189 20.80 4.69 -12.33
CA PHE B 189 21.69 5.53 -11.53
C PHE B 189 22.45 4.62 -10.58
N THR B 190 23.78 4.81 -10.48
CA THR B 190 24.60 3.98 -9.60
C THR B 190 24.64 4.63 -8.21
N ILE B 191 23.51 4.50 -7.51
CA ILE B 191 23.34 5.06 -6.17
C ILE B 191 22.51 4.08 -5.36
N GLY B 192 22.59 4.21 -4.04
CA GLY B 192 21.92 3.26 -3.17
C GLY B 192 21.51 3.86 -1.84
N GLY B 193 21.14 3.00 -0.90
CA GLY B 193 20.82 3.42 0.45
C GLY B 193 19.64 4.37 0.52
N ALA B 194 19.57 5.05 1.66
CA ALA B 194 18.50 6.02 1.88
C ALA B 194 18.56 7.16 0.88
N GLN B 195 19.76 7.56 0.45
CA GLN B 195 19.83 8.70 -0.46
C GLN B 195 19.21 8.35 -1.82
N ALA B 196 19.36 7.11 -2.27
CA ALA B 196 18.69 6.71 -3.52
C ALA B 196 17.19 6.74 -3.35
N VAL B 197 16.69 6.18 -2.25
CA VAL B 197 15.25 6.18 -2.00
C VAL B 197 14.72 7.60 -1.93
N ALA B 198 15.50 8.52 -1.34
CA ALA B 198 14.99 9.89 -1.21
C ALA B 198 15.05 10.63 -2.54
N ALA B 199 16.09 10.40 -3.33
CA ALA B 199 16.18 11.01 -4.64
C ALA B 199 15.02 10.59 -5.53
N LEU B 200 14.57 9.34 -5.42
CA LEU B 200 13.44 8.87 -6.22
C LEU B 200 12.11 9.39 -5.68
N ALA B 201 11.98 9.47 -4.34
CA ALA B 201 10.71 9.87 -3.74
C ALA B 201 10.43 11.35 -3.96
N TYR B 202 11.47 12.18 -3.96
CA TYR B 202 11.35 13.63 -4.05
C TYR B 202 11.89 14.20 -5.35
N GLY B 203 12.80 13.49 -6.02
CA GLY B 203 13.38 14.01 -7.23
C GLY B 203 14.51 14.97 -6.92
N THR B 204 15.54 14.97 -7.77
CA THR B 204 16.59 15.97 -7.69
C THR B 204 16.77 16.56 -9.07
N GLU B 205 17.90 17.25 -9.28
CA GLU B 205 18.18 17.86 -10.57
C GLU B 205 18.34 16.80 -11.65
N SER B 206 18.96 15.67 -11.33
CA SER B 206 19.25 14.64 -12.31
C SER B 206 18.44 13.36 -12.14
N VAL B 207 17.93 13.09 -10.94
CA VAL B 207 17.09 11.93 -10.66
C VAL B 207 15.62 12.35 -10.71
N PRO B 208 14.78 11.67 -11.51
CA PRO B 208 13.38 12.09 -11.62
C PRO B 208 12.56 11.55 -10.45
N ARG B 209 11.66 12.39 -9.97
CA ARG B 209 10.67 11.93 -8.99
C ARG B 209 9.76 10.91 -9.65
N VAL B 210 9.66 9.73 -9.03
CA VAL B 210 8.87 8.64 -9.60
C VAL B 210 7.58 8.53 -8.81
N ASP B 211 6.60 7.80 -9.38
CA ASP B 211 5.30 7.60 -8.72
C ASP B 211 5.27 6.43 -7.74
N LYS B 212 6.16 5.47 -7.89
CA LYS B 212 6.21 4.33 -6.99
C LYS B 212 7.64 3.83 -6.93
N ILE B 213 8.09 3.47 -5.72
CA ILE B 213 9.40 2.85 -5.50
C ILE B 213 9.20 1.40 -5.09
N VAL B 214 9.90 0.48 -5.77
CA VAL B 214 9.75 -0.94 -5.44
C VAL B 214 11.11 -1.59 -5.27
N GLY B 215 11.09 -2.77 -4.64
CA GLY B 215 12.28 -3.60 -4.60
C GLY B 215 12.71 -4.00 -3.19
N PRO B 216 13.68 -4.89 -3.10
CA PRO B 216 14.21 -5.29 -1.80
C PRO B 216 15.15 -4.21 -1.26
N GLY B 217 15.61 -4.40 -0.03
CA GLY B 217 16.56 -3.43 0.49
C GLY B 217 17.05 -3.74 1.88
N ASN B 218 18.27 -3.31 2.20
CA ASN B 218 18.79 -3.43 3.55
C ASN B 218 18.07 -2.46 4.48
N ILE B 219 18.54 -2.41 5.74
CA ILE B 219 17.85 -1.66 6.79
C ILE B 219 17.73 -0.18 6.43
N TYR B 220 18.75 0.38 5.78
CA TYR B 220 18.68 1.79 5.39
C TYR B 220 17.63 2.03 4.31
N VAL B 221 17.51 1.10 3.36
CA VAL B 221 16.52 1.30 2.30
C VAL B 221 15.13 1.11 2.85
N ALA B 222 14.96 0.05 3.65
CA ALA B 222 13.67 -0.26 4.26
C ALA B 222 13.21 0.88 5.17
N THR B 223 14.13 1.43 5.97
CA THR B 223 13.77 2.56 6.83
C THR B 223 13.40 3.77 6.00
N ALA B 224 14.19 4.07 4.97
CA ALA B 224 13.87 5.18 4.09
C ALA B 224 12.51 4.98 3.42
N LYS B 225 12.20 3.75 2.98
CA LYS B 225 10.91 3.52 2.36
C LYS B 225 9.79 3.80 3.34
N ARG B 226 9.95 3.39 4.60
CA ARG B 226 8.90 3.63 5.59
C ARG B 226 8.65 5.12 5.74
N HIS B 227 9.71 5.93 5.70
CA HIS B 227 9.54 7.36 5.96
C HIS B 227 8.98 8.12 4.78
N VAL B 228 9.22 7.68 3.55
CA VAL B 228 8.69 8.38 2.38
C VAL B 228 7.31 7.84 2.02
N PHE B 229 6.76 6.98 2.88
CA PHE B 229 5.39 6.52 2.71
C PHE B 229 4.42 7.69 2.83
N GLY B 230 3.41 7.72 1.95
CA GLY B 230 2.55 8.85 1.80
C GLY B 230 3.08 9.91 0.87
N GLN B 231 4.40 10.01 0.73
CA GLN B 231 5.01 10.93 -0.24
C GLN B 231 5.11 10.29 -1.62
N VAL B 232 5.19 8.96 -1.69
CA VAL B 232 5.32 8.25 -2.96
C VAL B 232 4.83 6.84 -2.71
N GLY B 233 4.22 6.23 -3.72
CA GLY B 233 3.80 4.85 -3.59
C GLY B 233 4.99 3.95 -3.29
N ILE B 234 4.72 2.86 -2.56
CA ILE B 234 5.75 1.87 -2.28
C ILE B 234 5.10 0.50 -2.31
N ASP B 235 5.90 -0.53 -2.55
CA ASP B 235 5.43 -1.90 -2.37
C ASP B 235 5.64 -2.32 -0.92
N MET B 236 5.33 -3.58 -0.63
CA MET B 236 5.65 -4.20 0.66
C MET B 236 7.11 -3.94 1.00
N ILE B 237 7.36 -3.54 2.24
CA ILE B 237 8.72 -3.31 2.70
C ILE B 237 9.27 -4.64 3.19
N ALA B 238 10.27 -5.17 2.48
CA ALA B 238 10.86 -6.45 2.85
C ALA B 238 11.58 -6.35 4.18
N GLY B 239 11.43 -7.36 5.02
CA GLY B 239 12.13 -7.43 6.28
C GLY B 239 13.54 -7.95 6.10
N PRO B 240 14.24 -8.19 7.22
CA PRO B 240 15.61 -8.70 7.14
C PRO B 240 15.63 -10.09 6.51
N SER B 241 16.78 -10.43 5.94
CA SER B 241 16.98 -11.75 5.35
C SER B 241 16.79 -12.83 6.40
N GLU B 242 15.98 -13.82 6.09
CA GLU B 242 15.52 -14.74 7.14
C GLU B 242 14.94 -15.99 6.50
N ILE B 243 15.19 -17.15 7.11
CA ILE B 243 14.49 -18.39 6.79
C ILE B 243 14.24 -19.15 8.07
N LEU B 244 13.04 -19.70 8.24
CA LEU B 244 12.80 -20.71 9.25
C LEU B 244 12.53 -22.02 8.51
N VAL B 245 13.29 -23.07 8.83
CA VAL B 245 13.03 -24.40 8.31
C VAL B 245 12.40 -25.20 9.42
N VAL B 246 11.25 -25.84 9.13
CA VAL B 246 10.64 -26.80 10.02
C VAL B 246 10.69 -28.16 9.33
N CYS B 247 11.23 -29.15 10.02
CA CYS B 247 11.43 -30.49 9.46
C CYS B 247 10.99 -31.57 10.45
N ASP B 248 10.37 -32.62 9.91
CA ASP B 248 10.00 -33.78 10.71
C ASP B 248 11.13 -34.80 10.83
N GLY B 249 12.30 -34.51 10.26
CA GLY B 249 13.42 -35.43 10.30
C GLY B 249 13.51 -36.38 9.12
N GLN B 250 12.56 -36.33 8.17
CA GLN B 250 12.55 -37.24 7.02
C GLN B 250 13.12 -36.61 5.75
N THR B 251 13.77 -35.45 5.84
CA THR B 251 14.47 -34.83 4.72
C THR B 251 15.96 -35.07 4.84
N ASP B 252 16.60 -35.36 3.70
CA ASP B 252 18.05 -35.50 3.65
C ASP B 252 18.72 -34.34 4.41
N PRO B 253 19.49 -34.64 5.46
CA PRO B 253 20.08 -33.54 6.28
C PRO B 253 21.01 -32.63 5.53
N ASP B 254 21.63 -33.10 4.43
CA ASP B 254 22.47 -32.22 3.62
C ASP B 254 21.62 -31.19 2.88
N TRP B 255 20.50 -31.63 2.30
CA TRP B 255 19.56 -30.69 1.71
C TRP B 255 19.18 -29.60 2.70
N ILE B 256 18.86 -30.00 3.94
CA ILE B 256 18.44 -29.04 4.97
C ILE B 256 19.57 -28.11 5.34
N ALA B 257 20.78 -28.64 5.52
CA ALA B 257 21.91 -27.77 5.84
C ALA B 257 22.15 -26.78 4.70
N MET B 258 22.05 -27.23 3.45
CA MET B 258 22.25 -26.31 2.33
C MET B 258 21.11 -25.30 2.23
N ASP B 259 19.87 -25.68 2.57
CA ASP B 259 18.80 -24.71 2.60
C ASP B 259 19.06 -23.63 3.64
N LEU B 260 19.63 -24.01 4.79
CA LEU B 260 20.04 -23.00 5.77
C LEU B 260 21.17 -22.13 5.22
N PHE B 261 22.14 -22.76 4.54
CA PHE B 261 23.25 -21.99 3.97
C PHE B 261 22.75 -21.01 2.92
N SER B 262 21.71 -21.37 2.18
CA SER B 262 21.24 -20.52 1.11
C SER B 262 20.87 -19.14 1.64
N GLN B 263 20.19 -19.08 2.77
CA GLN B 263 19.88 -17.78 3.34
C GLN B 263 21.10 -17.19 4.03
N ALA B 264 21.89 -18.03 4.68
CA ALA B 264 23.02 -17.53 5.45
C ALA B 264 24.07 -16.88 4.56
N GLU B 265 24.21 -17.32 3.30
CA GLU B 265 25.21 -16.75 2.39
C GLU B 265 24.82 -15.38 1.82
N HIS B 266 23.60 -14.88 2.09
CA HIS B 266 23.18 -13.63 1.47
C HIS B 266 23.92 -12.44 2.06
N ASP B 267 24.00 -12.39 3.39
CA ASP B 267 24.71 -11.31 4.07
C ASP B 267 25.01 -11.75 5.50
N GLU B 268 25.86 -10.96 6.17
CA GLU B 268 26.32 -11.33 7.51
C GLU B 268 25.20 -11.33 8.54
N ASP B 269 24.17 -10.50 8.34
CA ASP B 269 23.06 -10.38 9.30
C ASP B 269 21.92 -11.37 9.06
N ALA B 270 22.05 -12.27 8.08
CA ALA B 270 20.95 -13.17 7.76
C ALA B 270 20.70 -14.13 8.91
N GLN B 271 19.43 -14.49 9.09
CA GLN B 271 18.96 -15.35 10.18
C GLN B 271 18.46 -16.67 9.61
N SER B 272 19.09 -17.78 9.98
CA SER B 272 18.71 -19.11 9.49
C SER B 272 18.50 -20.05 10.68
N ILE B 273 17.26 -20.51 10.86
CA ILE B 273 16.87 -21.32 12.00
C ILE B 273 16.19 -22.60 11.49
N LEU B 274 16.48 -23.73 12.14
CA LEU B 274 15.81 -24.99 11.90
C LEU B 274 15.10 -25.40 13.20
N VAL B 275 13.87 -25.90 13.07
CA VAL B 275 13.09 -26.42 14.20
C VAL B 275 12.72 -27.87 13.87
N SER B 276 12.93 -28.79 14.82
CA SER B 276 12.56 -30.16 14.55
C SER B 276 12.25 -30.91 15.85
N PRO B 277 11.31 -31.85 15.83
CA PRO B 277 11.17 -32.78 16.96
C PRO B 277 12.17 -33.91 16.96
N ASP B 278 12.84 -34.18 15.83
CA ASP B 278 13.69 -35.37 15.66
C ASP B 278 15.11 -35.05 16.10
N ALA B 279 15.49 -35.53 17.30
CA ALA B 279 16.78 -35.18 17.88
C ALA B 279 17.94 -35.77 17.08
N ALA B 280 17.82 -37.03 16.69
CA ALA B 280 18.85 -37.66 15.86
C ALA B 280 19.03 -36.90 14.55
N PHE B 281 17.92 -36.50 13.92
CA PHE B 281 17.99 -35.69 12.72
C PHE B 281 18.79 -34.41 12.94
N LEU B 282 18.47 -33.67 14.02
CA LEU B 282 19.15 -32.41 14.27
C LEU B 282 20.67 -32.62 14.38
N ASP B 283 21.10 -33.73 15.00
CA ASP B 283 22.52 -34.06 15.06
C ASP B 283 23.11 -34.26 13.67
N ARG B 284 22.37 -34.97 12.81
CA ARG B 284 22.84 -35.20 11.44
C ARG B 284 22.94 -33.88 10.68
N VAL B 285 22.05 -32.92 10.96
CA VAL B 285 22.16 -31.62 10.32
C VAL B 285 23.37 -30.85 10.84
N ALA B 286 23.62 -30.92 12.15
CA ALA B 286 24.83 -30.32 12.69
C ALA B 286 26.08 -30.93 12.03
N ASP B 287 26.09 -32.25 11.86
CA ASP B 287 27.22 -32.87 11.15
C ASP B 287 27.24 -32.45 9.69
N SER B 288 26.07 -32.44 9.03
CA SER B 288 26.00 -31.96 7.66
C SER B 288 26.60 -30.55 7.55
N ILE B 289 26.26 -29.67 8.49
CA ILE B 289 26.76 -28.30 8.46
C ILE B 289 28.28 -28.29 8.57
N ALA B 290 28.83 -29.04 9.54
CA ALA B 290 30.29 -29.07 9.73
C ALA B 290 30.99 -29.61 8.49
N ARG B 291 30.45 -30.68 7.88
CA ARG B 291 31.09 -31.28 6.72
C ARG B 291 30.97 -30.42 5.48
N LEU B 292 29.79 -29.78 5.27
CA LEU B 292 29.55 -29.04 4.04
C LEU B 292 30.10 -27.62 4.06
N LEU B 293 30.11 -26.96 5.23
CA LEU B 293 30.51 -25.56 5.30
C LEU B 293 31.91 -25.27 4.76
N PRO B 294 32.97 -26.03 5.11
CA PRO B 294 34.34 -25.56 4.79
C PRO B 294 34.50 -25.10 3.34
N THR B 295 33.94 -25.83 2.39
CA THR B 295 34.18 -25.59 0.98
C THR B 295 33.08 -24.77 0.30
N MET B 296 32.18 -24.15 1.05
CA MET B 296 31.29 -23.16 0.45
C MET B 296 32.10 -21.97 -0.01
N GLU B 297 31.79 -21.49 -1.23
CA GLU B 297 32.48 -20.32 -1.78
C GLU B 297 32.30 -19.10 -0.89
N ARG B 298 31.13 -18.95 -0.26
CA ARG B 298 30.87 -17.85 0.65
C ARG B 298 30.90 -18.35 2.10
N ALA B 299 31.82 -19.28 2.38
CA ALA B 299 31.87 -19.89 3.71
C ALA B 299 31.99 -18.85 4.82
N GLU B 300 32.77 -17.79 4.60
CA GLU B 300 32.97 -16.80 5.64
C GLU B 300 31.68 -16.03 5.96
N ILE B 301 30.89 -15.69 4.94
CA ILE B 301 29.65 -14.98 5.23
C ILE B 301 28.65 -15.92 5.91
N ILE B 302 28.56 -17.17 5.43
CA ILE B 302 27.69 -18.17 6.04
C ILE B 302 28.04 -18.36 7.52
N ARG B 303 29.33 -18.53 7.81
CA ARG B 303 29.76 -18.71 9.20
C ARG B 303 29.41 -17.50 10.04
N THR B 304 29.63 -16.29 9.52
CA THR B 304 29.30 -15.09 10.29
C THR B 304 27.82 -15.03 10.63
N SER B 305 26.94 -15.32 9.66
CA SER B 305 25.51 -15.18 9.94
C SER B 305 24.99 -16.30 10.84
N LEU B 306 25.47 -17.52 10.63
CA LEU B 306 25.03 -18.62 11.49
C LEU B 306 25.50 -18.41 12.93
N GLU B 307 26.70 -17.83 13.10
CA GLU B 307 27.20 -17.54 14.45
C GLU B 307 26.34 -16.49 15.14
N GLY B 308 25.94 -15.45 14.42
CA GLY B 308 25.20 -14.37 15.01
C GLY B 308 23.72 -14.64 15.19
N ARG B 309 23.11 -15.36 14.23
CA ARG B 309 21.68 -15.61 14.33
C ARG B 309 21.23 -17.03 13.99
N GLY B 310 22.14 -17.95 13.69
CA GLY B 310 21.72 -19.30 13.34
C GLY B 310 21.44 -20.16 14.55
N ALA B 311 20.58 -21.16 14.36
CA ALA B 311 20.23 -22.08 15.44
C ALA B 311 19.56 -23.33 14.90
N LEU B 312 19.87 -24.46 15.53
CA LEU B 312 19.04 -25.66 15.44
C LEU B 312 18.28 -25.81 16.75
N ILE B 313 16.95 -25.95 16.66
CA ILE B 313 16.07 -25.87 17.82
C ILE B 313 15.31 -27.19 17.98
N GLN B 314 15.53 -27.85 19.11
CA GLN B 314 14.82 -29.07 19.46
C GLN B 314 13.47 -28.76 20.08
N VAL B 315 12.43 -29.47 19.66
CA VAL B 315 11.11 -29.32 20.28
C VAL B 315 10.55 -30.70 20.62
N ALA B 316 9.45 -30.69 21.37
CA ALA B 316 8.87 -31.94 21.85
C ALA B 316 8.16 -32.70 20.75
N ASP B 317 7.40 -32.00 19.91
CA ASP B 317 6.52 -32.64 18.94
C ASP B 317 6.10 -31.61 17.91
N GLN B 318 5.21 -32.03 16.99
CA GLN B 318 4.78 -31.15 15.92
C GLN B 318 4.09 -29.89 16.46
N ALA B 319 3.29 -30.04 17.51
CA ALA B 319 2.55 -28.90 18.03
C ALA B 319 3.50 -27.86 18.60
N GLN B 320 4.53 -28.31 19.32
CA GLN B 320 5.50 -27.35 19.83
C GLN B 320 6.36 -26.76 18.71
N ALA B 321 6.68 -27.56 17.70
CA ALA B 321 7.34 -27.01 16.52
C ALA B 321 6.52 -25.86 15.93
N CYS B 322 5.21 -26.03 15.84
CA CYS B 322 4.38 -24.97 15.26
C CYS B 322 4.26 -23.79 16.21
N ALA B 323 4.23 -24.03 17.52
CA ALA B 323 4.20 -22.93 18.48
C ALA B 323 5.45 -22.07 18.36
N VAL B 324 6.61 -22.72 18.28
CA VAL B 324 7.88 -22.00 18.10
C VAL B 324 7.87 -21.25 16.77
N ALA B 325 7.46 -21.91 15.69
CA ALA B 325 7.35 -21.26 14.40
C ALA B 325 6.47 -20.00 14.50
N ASN B 326 5.32 -20.12 15.17
CA ASN B 326 4.43 -18.96 15.30
C ASN B 326 5.09 -17.82 16.08
N ARG B 327 5.94 -18.15 17.06
CA ARG B 327 6.61 -17.11 17.83
C ARG B 327 7.68 -16.41 17.00
N ILE B 328 8.38 -17.16 16.15
CA ILE B 328 9.37 -16.56 15.26
C ILE B 328 8.68 -15.70 14.20
N ALA B 329 7.49 -16.08 13.77
CA ALA B 329 6.74 -15.37 12.75
C ALA B 329 7.57 -15.10 11.49
N PRO B 330 8.01 -16.16 10.79
CA PRO B 330 8.91 -15.98 9.64
C PRO B 330 8.19 -15.40 8.43
N GLU B 331 8.89 -14.51 7.72
CA GLU B 331 8.41 -14.09 6.41
C GLU B 331 8.67 -15.15 5.36
N HIS B 332 9.58 -16.09 5.62
CA HIS B 332 9.89 -17.21 4.73
C HIS B 332 9.94 -18.48 5.56
N LEU B 333 9.03 -19.42 5.27
CA LEU B 333 8.91 -20.66 6.02
C LEU B 333 9.10 -21.84 5.06
N GLU B 334 10.03 -22.74 5.41
CA GLU B 334 10.23 -23.98 4.65
C GLU B 334 9.67 -25.12 5.48
N LEU B 335 8.51 -25.62 5.08
CA LEU B 335 7.85 -26.73 5.78
C LEU B 335 8.35 -28.05 5.17
N SER B 336 9.52 -28.48 5.62
CA SER B 336 10.13 -29.68 5.03
C SER B 336 9.66 -30.92 5.79
N VAL B 337 8.38 -31.25 5.57
CA VAL B 337 7.71 -32.34 6.28
C VAL B 337 6.92 -33.20 5.29
N ALA B 338 6.59 -34.42 5.71
CA ALA B 338 5.87 -35.35 4.85
C ALA B 338 4.48 -34.82 4.49
N ASP B 339 3.82 -34.17 5.44
CA ASP B 339 2.43 -33.74 5.29
C ASP B 339 2.32 -32.23 5.49
N PRO B 340 2.87 -31.42 4.58
CA PRO B 340 2.91 -29.96 4.85
C PRO B 340 1.55 -29.32 4.97
N GLU B 341 0.55 -29.79 4.24
CA GLU B 341 -0.78 -29.18 4.36
C GLU B 341 -1.44 -29.48 5.71
N SER B 342 -0.99 -30.51 6.44
CA SER B 342 -1.43 -30.76 7.82
C SER B 342 -0.76 -29.86 8.84
N TRP B 343 0.42 -29.32 8.55
CA TRP B 343 1.08 -28.45 9.51
C TRP B 343 0.59 -27.03 9.38
N LEU B 344 0.19 -26.64 8.17
CA LEU B 344 -0.21 -25.27 7.92
C LEU B 344 -1.37 -24.78 8.78
N PRO B 345 -2.43 -25.55 9.05
CA PRO B 345 -3.50 -25.02 9.92
C PRO B 345 -3.01 -24.51 11.28
N GLU B 346 -1.92 -25.06 11.81
CA GLU B 346 -1.39 -24.62 13.09
C GLU B 346 -0.29 -23.58 12.96
N ILE B 347 0.02 -23.13 11.75
CA ILE B 347 0.99 -22.08 11.51
C ILE B 347 0.22 -20.81 11.22
N ARG B 348 0.26 -19.85 12.14
CA ARG B 348 -0.62 -18.69 12.04
C ARG B 348 0.08 -17.40 11.72
N HIS B 349 1.42 -17.37 11.74
CA HIS B 349 2.17 -16.14 11.46
C HIS B 349 3.35 -16.53 10.56
N ALA B 350 3.12 -16.49 9.25
CA ALA B 350 4.14 -16.86 8.28
C ALA B 350 3.81 -16.18 6.96
N GLY B 351 4.84 -15.69 6.28
CA GLY B 351 4.70 -15.09 4.96
C GLY B 351 4.64 -16.12 3.88
N ALA B 352 5.69 -16.20 3.06
CA ALA B 352 5.81 -17.18 1.99
C ALA B 352 6.20 -18.55 2.51
N ILE B 353 5.59 -19.59 1.94
CA ILE B 353 5.74 -20.96 2.43
C ILE B 353 6.24 -21.84 1.31
N PHE B 354 7.31 -22.59 1.59
CA PHE B 354 7.87 -23.61 0.70
C PHE B 354 7.55 -24.96 1.34
N MET B 355 6.90 -25.84 0.59
CA MET B 355 6.28 -27.01 1.18
C MET B 355 6.93 -28.29 0.67
N GLY B 356 7.15 -29.23 1.57
CA GLY B 356 7.67 -30.52 1.18
C GLY B 356 9.18 -30.48 1.04
N ARG B 357 9.74 -31.63 0.69
CA ARG B 357 11.19 -31.80 0.64
C ARG B 357 11.82 -31.34 -0.66
N TYR B 358 11.05 -31.21 -1.74
CA TYR B 358 11.60 -30.87 -3.04
C TYR B 358 11.60 -29.37 -3.31
N THR B 359 11.19 -28.55 -2.35
CA THR B 359 11.09 -27.11 -2.57
C THR B 359 12.08 -26.38 -1.68
N ALA B 360 13.25 -26.10 -2.25
CA ALA B 360 14.24 -25.28 -1.59
C ALA B 360 13.78 -23.84 -1.53
N GLU B 361 13.96 -23.22 -0.38
CA GLU B 361 13.63 -21.81 -0.27
C GLU B 361 14.44 -20.96 -1.25
N ALA B 362 15.61 -21.46 -1.68
CA ALA B 362 16.38 -20.79 -2.72
C ALA B 362 15.56 -20.54 -3.98
N LEU B 363 14.65 -21.45 -4.33
CA LEU B 363 13.80 -21.24 -5.50
C LEU B 363 12.96 -19.97 -5.36
N GLY B 364 12.60 -19.60 -4.13
CA GLY B 364 11.86 -18.36 -3.95
C GLY B 364 12.62 -17.18 -4.49
N ASP B 365 13.93 -17.12 -4.22
CA ASP B 365 14.72 -15.96 -4.59
C ASP B 365 14.96 -15.85 -6.09
N TYR B 366 14.62 -16.87 -6.88
CA TYR B 366 14.95 -16.89 -8.29
C TYR B 366 13.75 -17.05 -9.22
N CYS B 367 12.60 -17.47 -8.72
CA CYS B 367 11.49 -17.78 -9.61
C CYS B 367 10.17 -17.16 -9.18
N ALA B 368 10.10 -16.53 -8.01
CA ALA B 368 8.91 -15.83 -7.55
C ALA B 368 9.31 -14.49 -6.96
N GLY B 369 8.33 -13.60 -6.82
CA GLY B 369 8.53 -12.40 -6.04
C GLY B 369 8.45 -12.69 -4.55
N PRO B 370 8.69 -11.64 -3.74
CA PRO B 370 8.58 -11.79 -2.28
C PRO B 370 7.14 -12.10 -1.83
N ASN B 371 6.91 -13.32 -1.36
CA ASN B 371 5.56 -13.82 -1.04
C ASN B 371 4.62 -13.70 -2.24
N HIS B 372 5.16 -13.87 -3.45
CA HIS B 372 4.37 -13.94 -4.67
C HIS B 372 4.23 -15.40 -5.09
N VAL B 373 3.08 -15.73 -5.70
CA VAL B 373 2.93 -17.05 -6.29
C VAL B 373 3.89 -17.16 -7.48
N LEU B 374 4.35 -18.39 -7.74
CA LEU B 374 5.13 -18.69 -8.93
C LEU B 374 4.30 -18.37 -10.18
N PRO B 375 4.85 -17.63 -11.16
CA PRO B 375 4.04 -17.25 -12.35
C PRO B 375 3.88 -18.41 -13.31
N THR B 376 2.65 -18.91 -13.45
CA THR B 376 2.29 -19.87 -14.48
C THR B 376 0.96 -19.47 -15.11
N SER B 377 0.66 -20.08 -16.26
CA SER B 377 -0.63 -19.86 -16.91
C SER B 377 -1.78 -20.18 -15.97
N GLY B 378 -1.66 -21.27 -15.20
CA GLY B 378 -2.72 -21.63 -14.27
C GLY B 378 -2.87 -20.65 -13.12
N THR B 379 -1.75 -20.24 -12.52
CA THR B 379 -1.85 -19.29 -11.41
C THR B 379 -2.29 -17.90 -11.87
N ALA B 380 -2.12 -17.60 -13.16
CA ALA B 380 -2.54 -16.30 -13.68
C ALA B 380 -4.04 -16.07 -13.49
N ARG B 381 -4.84 -17.15 -13.48
CA ARG B 381 -6.29 -17.02 -13.32
C ARG B 381 -6.70 -16.35 -12.02
N PHE B 382 -5.86 -16.39 -10.99
CA PHE B 382 -6.19 -15.84 -9.69
C PHE B 382 -5.69 -14.40 -9.59
N SER B 383 -6.64 -13.47 -9.49
CA SER B 383 -6.34 -12.05 -9.54
C SER B 383 -5.54 -11.61 -8.33
N SER B 384 -4.77 -10.54 -8.52
CA SER B 384 -3.95 -10.00 -7.48
C SER B 384 -3.74 -8.51 -7.76
N PRO B 385 -3.82 -7.65 -6.74
CA PRO B 385 -3.42 -6.24 -6.93
C PRO B 385 -1.91 -6.06 -6.99
N LEU B 386 -1.13 -7.12 -6.80
CA LEU B 386 0.29 -7.06 -7.11
C LEU B 386 0.48 -7.23 -8.62
N GLY B 387 1.70 -7.05 -9.08
CA GLY B 387 1.92 -7.26 -10.49
C GLY B 387 1.51 -6.04 -11.28
N VAL B 388 0.88 -6.25 -12.45
CA VAL B 388 0.55 -5.14 -13.33
C VAL B 388 -0.33 -4.11 -12.61
N TYR B 389 -1.24 -4.56 -11.74
CA TYR B 389 -2.07 -3.67 -10.93
C TYR B 389 -1.25 -2.67 -10.11
N ASP B 390 -0.08 -3.11 -9.61
CA ASP B 390 0.88 -2.28 -8.89
C ASP B 390 1.15 -0.96 -9.56
N PHE B 391 1.39 -1.04 -10.86
CA PHE B 391 1.92 0.05 -11.65
C PHE B 391 0.85 0.75 -12.46
N GLN B 392 -0.39 0.62 -12.06
CA GLN B 392 -1.51 1.25 -12.74
C GLN B 392 -2.27 2.15 -11.78
N LYS B 393 -2.94 3.16 -12.32
CA LYS B 393 -3.84 3.98 -11.54
C LYS B 393 -5.26 3.76 -12.05
N ARG B 394 -6.21 3.64 -11.12
CA ARG B 394 -7.61 3.35 -11.43
C ARG B 394 -8.48 4.50 -11.00
N SER B 395 -9.22 5.07 -11.96
CA SER B 395 -10.13 6.19 -11.70
C SER B 395 -11.56 5.71 -11.91
N SER B 396 -12.36 5.70 -10.84
CA SER B 396 -13.75 5.32 -11.01
C SER B 396 -14.48 6.44 -11.74
N ILE B 397 -15.45 6.08 -12.58
CA ILE B 397 -16.19 7.09 -13.31
C ILE B 397 -17.67 6.81 -13.10
N ILE B 398 -18.47 7.88 -13.06
CA ILE B 398 -19.92 7.76 -13.13
C ILE B 398 -20.43 8.90 -13.99
N ASN B 399 -21.31 8.56 -14.93
CA ASN B 399 -21.93 9.49 -15.88
C ASN B 399 -23.43 9.25 -15.81
N CYS B 400 -24.11 10.03 -14.96
CA CYS B 400 -25.54 9.85 -14.76
C CYS B 400 -26.31 10.29 -15.99
N SER B 401 -27.31 9.51 -16.35
CA SER B 401 -28.33 10.05 -17.21
C SER B 401 -29.24 10.96 -16.36
N ALA B 402 -30.08 11.73 -17.05
CA ALA B 402 -30.99 12.60 -16.32
C ALA B 402 -31.83 11.79 -15.33
N GLU B 403 -32.33 10.63 -15.76
CA GLU B 403 -33.14 9.82 -14.84
C GLU B 403 -32.29 9.22 -13.74
N GLY B 404 -31.06 8.77 -14.06
CA GLY B 404 -30.20 8.24 -13.01
C GLY B 404 -29.87 9.28 -11.96
N ALA B 405 -29.61 10.52 -12.40
CA ALA B 405 -29.37 11.62 -11.46
C ALA B 405 -30.58 11.85 -10.57
N SER B 406 -31.79 11.68 -11.11
CA SER B 406 -33.00 11.83 -10.32
C SER B 406 -33.09 10.78 -9.23
N VAL B 407 -32.93 9.51 -9.61
CA VAL B 407 -33.02 8.44 -8.62
C VAL B 407 -31.95 8.60 -7.55
N LEU B 408 -30.69 8.74 -7.98
CA LEU B 408 -29.62 8.86 -6.99
C LEU B 408 -29.76 10.15 -6.19
N GLY B 409 -30.27 11.21 -6.83
CA GLY B 409 -30.34 12.50 -6.15
C GLY B 409 -31.32 12.48 -4.99
N ARG B 410 -32.42 11.73 -5.13
CA ARG B 410 -33.37 11.66 -4.03
C ARG B 410 -32.75 11.03 -2.80
N THR B 411 -32.00 9.94 -2.98
CA THR B 411 -31.36 9.30 -1.83
C THR B 411 -30.27 10.19 -1.25
N ALA B 412 -29.47 10.82 -2.11
CA ALA B 412 -28.48 11.78 -1.63
C ALA B 412 -29.14 12.90 -0.85
N SER B 413 -30.28 13.41 -1.34
CA SER B 413 -30.99 14.48 -0.66
C SER B 413 -31.40 14.05 0.75
N VAL B 414 -32.06 12.89 0.86
CA VAL B 414 -32.53 12.41 2.15
C VAL B 414 -31.38 12.34 3.17
N LEU B 415 -30.26 11.72 2.78
CA LEU B 415 -29.21 11.50 3.76
C LEU B 415 -28.43 12.79 4.06
N ALA B 416 -28.12 13.58 3.02
CA ALA B 416 -27.42 14.84 3.25
C ALA B 416 -28.27 15.82 4.08
N ARG B 417 -29.56 15.93 3.76
CA ARG B 417 -30.41 16.76 4.60
C ARG B 417 -30.48 16.23 6.02
N GLY B 418 -30.54 14.90 6.18
CA GLY B 418 -30.53 14.35 7.52
C GLY B 418 -29.32 14.77 8.35
N GLU B 419 -28.20 15.03 7.67
CA GLU B 419 -26.96 15.44 8.33
C GLU B 419 -26.73 16.94 8.32
N SER B 420 -27.66 17.73 7.79
CA SER B 420 -27.55 19.19 7.69
C SER B 420 -26.43 19.61 6.74
N LEU B 421 -25.98 18.73 5.85
CA LEU B 421 -25.02 19.14 4.81
C LEU B 421 -25.81 19.57 3.57
N THR B 422 -26.38 20.78 3.65
CA THR B 422 -27.38 21.19 2.67
C THR B 422 -26.79 21.59 1.33
N ALA B 423 -25.49 21.89 1.25
CA ALA B 423 -24.91 22.11 -0.08
C ALA B 423 -24.88 20.80 -0.86
N HIS B 424 -24.50 19.71 -0.17
CA HIS B 424 -24.61 18.38 -0.77
C HIS B 424 -26.04 18.13 -1.26
N ALA B 425 -27.03 18.44 -0.42
CA ALA B 425 -28.42 18.15 -0.77
C ALA B 425 -28.84 18.93 -1.99
N ARG B 426 -28.63 20.26 -1.96
CA ARG B 426 -29.12 21.11 -3.03
C ARG B 426 -28.40 20.81 -4.33
N SER B 427 -27.09 20.52 -4.26
CA SER B 427 -26.34 20.13 -5.45
C SER B 427 -26.95 18.90 -6.11
N ALA B 428 -27.34 17.91 -5.31
CA ALA B 428 -28.01 16.72 -5.85
C ALA B 428 -29.42 17.06 -6.33
N GLU B 429 -30.16 17.88 -5.56
CA GLU B 429 -31.54 18.20 -5.89
C GLU B 429 -31.66 18.98 -7.17
N TYR B 430 -30.65 19.77 -7.54
CA TYR B 430 -30.74 20.55 -8.76
C TYR B 430 -30.96 19.66 -9.98
N ARG B 431 -30.52 18.41 -9.92
CA ARG B 431 -30.60 17.53 -11.07
C ARG B 431 -31.83 16.62 -11.05
N ILE B 432 -32.65 16.69 -10.00
CA ILE B 432 -33.82 15.83 -9.96
C ILE B 432 -34.83 16.35 -10.97
N LEU B 433 -35.35 15.47 -11.82
CA LEU B 433 -36.25 15.91 -12.88
C LEU B 433 -37.65 15.35 -12.62
N ASP B 434 -38.64 16.22 -12.77
CA ASP B 434 -40.07 15.94 -12.64
C ASP B 434 -40.66 16.31 -14.00
N GLU B 435 -41.07 15.30 -14.76
CA GLU B 435 -41.50 15.50 -16.14
C GLU B 435 -42.63 16.52 -16.24
N LYS B 436 -43.49 16.61 -15.22
CA LYS B 436 -44.65 17.49 -15.27
C LYS B 436 -44.32 18.96 -15.05
N GLU B 437 -43.08 19.28 -14.66
CA GLU B 437 -42.68 20.66 -14.50
C GLU B 437 -42.51 21.28 -15.88
N ALA B 438 -43.19 22.39 -16.15
CA ALA B 438 -43.04 23.03 -17.47
C ALA B 438 -41.97 24.14 -17.47
#